data_4GOJ
#
_entry.id   4GOJ
#
_cell.length_a   69.750
_cell.length_b   103.300
_cell.length_c   119.890
_cell.angle_alpha   90.00
_cell.angle_beta   90.00
_cell.angle_gamma   90.00
#
_symmetry.space_group_name_H-M   'P 21 21 21'
#
loop_
_entity.id
_entity.type
_entity.pdbx_description
1 polymer 'ADP-ribosylation factor-like protein 3'
2 polymer 'Protein unc-119 homolog A'
3 non-polymer 'PHOSPHOAMINOPHOSPHONIC ACID-GUANYLATE ESTER'
4 non-polymer 'MAGNESIUM ION'
5 water water
#
loop_
_entity_poly.entity_id
_entity_poly.type
_entity_poly.pdbx_seq_one_letter_code
_entity_poly.pdbx_strand_id
1 'polypeptide(L)'
;MGLLSILRKLKSAPDQEVRILLLGLDNAGKTTLLKQLASEDISHITPTQGFNIKSVQSQGFKLNVWDIGGQRKIRPYWRS
YFENTDILIYVIDSADRKRFEETGQELTELLEEEKLSCVPVLIFANKQDLLTAAPASEIAEGLNLHTIRDRVWQIQSCSA
LTGEGVQDGMNWVCKNVNAKKKEHHHHHH
;
A,B
2 'polypeptide(L)'
;MKVKKGGGGAGTATESAPGPSGQSVAPIPQPPAESESGSESEPDAGPGPRPGPLQRKQPIGPEDVLGLQRITGDYLCSPE
ENIYKIDFVRFKIRDMDSGTVLFEIKKPPVSERLPINRRDLDPNAGRFVRYQFTPAFLRLRQVGATVEFTVGDKPVNNFR
MIERHYFRNQLLKSFDFHFGFCIPSSKNTCEHIYDFPPLSEELISEMIRHPYETQSDSFYFVDDRLVMHNKADYSYSGTP
;
C,D
#
loop_
_chem_comp.id
_chem_comp.type
_chem_comp.name
_chem_comp.formula
GNP non-polymer 'PHOSPHOAMINOPHOSPHONIC ACID-GUANYLATE ESTER' 'C10 H17 N6 O13 P3'
MG non-polymer 'MAGNESIUM ION' 'Mg 2'
#
# COMPACT_ATOMS: atom_id res chain seq x y z
N LEU A 3 -4.49 3.06 -31.68
CA LEU A 3 -4.07 1.77 -32.33
C LEU A 3 -4.50 1.74 -33.78
N LEU A 4 -5.68 2.29 -34.07
CA LEU A 4 -6.20 2.34 -35.43
C LEU A 4 -5.28 3.09 -36.38
N SER A 5 -4.82 4.26 -35.93
CA SER A 5 -3.95 5.10 -36.73
C SER A 5 -2.53 4.57 -36.73
N ILE A 6 -2.12 3.98 -35.61
CA ILE A 6 -0.82 3.31 -35.52
C ILE A 6 -0.73 2.20 -36.57
N LEU A 7 -1.76 1.36 -36.64
CA LEU A 7 -1.86 0.33 -37.67
C LEU A 7 -1.59 0.94 -39.06
N ARG A 8 -2.29 2.03 -39.40
CA ARG A 8 -2.12 2.67 -40.72
C ARG A 8 -0.70 3.20 -40.95
N LYS A 9 -0.03 3.60 -39.86
CA LYS A 9 1.35 4.08 -39.93
C LYS A 9 2.38 2.97 -40.10
N LEU A 10 1.95 1.71 -39.94
CA LEU A 10 2.82 0.54 -40.01
C LEU A 10 2.46 -0.35 -41.21
N LYS A 11 1.36 0.00 -41.87
CA LYS A 11 0.73 -0.85 -42.89
C LYS A 11 1.68 -1.31 -44.01
N SER A 12 2.75 -0.55 -44.24
CA SER A 12 3.74 -0.89 -45.28
C SER A 12 4.63 -2.09 -44.91
N ALA A 13 4.62 -2.49 -43.63
CA ALA A 13 5.43 -3.63 -43.18
C ALA A 13 5.16 -4.87 -44.02
N PRO A 14 6.23 -5.43 -44.64
CA PRO A 14 6.10 -6.47 -45.69
C PRO A 14 5.41 -7.77 -45.26
N ASP A 15 5.60 -8.17 -44.00
CA ASP A 15 4.93 -9.37 -43.49
C ASP A 15 3.46 -9.16 -43.14
N GLN A 16 3.02 -7.90 -43.17
CA GLN A 16 1.63 -7.54 -42.90
C GLN A 16 1.17 -7.87 -41.47
N GLU A 17 2.13 -8.05 -40.58
CA GLU A 17 1.84 -8.20 -39.16
C GLU A 17 2.96 -7.65 -38.30
N VAL A 18 2.57 -7.01 -37.20
CA VAL A 18 3.50 -6.44 -36.24
C VAL A 18 3.08 -6.89 -34.84
N ARG A 19 4.04 -7.41 -34.09
CA ARG A 19 3.78 -7.85 -32.73
C ARG A 19 4.58 -6.95 -31.79
N ILE A 20 3.87 -6.29 -30.88
CA ILE A 20 4.46 -5.42 -29.90
C ILE A 20 4.30 -6.04 -28.53
N LEU A 21 5.41 -6.13 -27.80
CA LEU A 21 5.40 -6.65 -26.44
C LEU A 21 5.60 -5.51 -25.46
N LEU A 22 4.70 -5.42 -24.48
CA LEU A 22 4.75 -4.43 -23.40
C LEU A 22 5.20 -5.07 -22.10
N LEU A 23 6.39 -4.69 -21.63
CA LEU A 23 6.92 -5.23 -20.38
C LEU A 23 7.36 -4.12 -19.44
N GLY A 24 7.70 -4.49 -18.20
CA GLY A 24 8.05 -3.53 -17.16
C GLY A 24 7.58 -4.06 -15.82
N LEU A 25 8.05 -3.46 -14.73
CA LEU A 25 7.65 -3.91 -13.39
C LEU A 25 6.16 -3.71 -13.18
N ASP A 26 5.60 -4.49 -12.26
CA ASP A 26 4.25 -4.25 -11.75
C ASP A 26 4.15 -2.79 -11.32
N ASN A 27 2.98 -2.19 -11.53
CA ASN A 27 2.74 -0.78 -11.21
C ASN A 27 3.37 0.25 -12.14
N ALA A 28 4.09 -0.19 -13.17
CA ALA A 28 4.76 0.74 -14.08
C ALA A 28 3.80 1.60 -14.93
N GLY A 29 2.63 1.03 -15.26
CA GLY A 29 1.64 1.70 -16.10
C GLY A 29 1.35 1.04 -17.45
N LYS A 30 1.70 -0.25 -17.56
CA LYS A 30 1.57 -0.99 -18.84
C LYS A 30 0.14 -1.09 -19.35
N THR A 31 -0.75 -1.57 -18.49
CA THR A 31 -2.15 -1.77 -18.87
C THR A 31 -2.82 -0.41 -19.12
N THR A 32 -2.45 0.59 -18.32
CA THR A 32 -2.96 1.94 -18.52
C THR A 32 -2.56 2.45 -19.91
N LEU A 33 -1.29 2.28 -20.27
CA LEU A 33 -0.80 2.63 -21.59
C LEU A 33 -1.59 1.91 -22.69
N LEU A 34 -1.81 0.60 -22.51
CA LEU A 34 -2.52 -0.23 -23.50
C LEU A 34 -3.93 0.30 -23.73
N LYS A 35 -4.65 0.58 -22.65
CA LYS A 35 -6.02 1.08 -22.76
C LYS A 35 -6.07 2.50 -23.31
N GLN A 36 -5.09 3.32 -22.95
CA GLN A 36 -4.92 4.65 -23.54
C GLN A 36 -4.84 4.53 -25.07
N LEU A 37 -3.92 3.70 -25.56
CA LEU A 37 -3.75 3.46 -27.01
C LEU A 37 -5.02 2.95 -27.69
N ALA A 38 -5.79 2.15 -26.96
CA ALA A 38 -7.00 1.53 -27.48
C ALA A 38 -8.24 2.42 -27.30
N SER A 39 -8.04 3.64 -26.79
CA SER A 39 -9.11 4.59 -26.50
C SER A 39 -10.16 3.97 -25.57
N GLU A 40 -9.69 3.25 -24.55
CA GLU A 40 -10.58 2.52 -23.67
C GLU A 40 -10.57 3.15 -22.28
N ASP A 41 -11.71 3.08 -21.61
CA ASP A 41 -11.82 3.58 -20.23
C ASP A 41 -10.75 2.94 -19.34
N ILE A 42 -9.98 3.77 -18.66
CA ILE A 42 -8.84 3.32 -17.86
C ILE A 42 -9.17 3.22 -16.36
N SER A 43 -10.47 3.14 -16.04
CA SER A 43 -10.96 3.27 -14.67
C SER A 43 -11.11 1.95 -13.91
N HIS A 44 -11.23 0.84 -14.63
CA HIS A 44 -11.46 -0.46 -14.00
C HIS A 44 -10.17 -1.29 -13.86
N ILE A 45 -9.02 -0.64 -14.03
CA ILE A 45 -7.73 -1.35 -14.07
C ILE A 45 -7.29 -1.90 -12.70
N THR A 46 -6.94 -3.18 -12.70
CA THR A 46 -6.36 -3.85 -11.53
C THR A 46 -5.06 -4.54 -11.98
N PRO A 47 -4.21 -4.99 -11.03
CA PRO A 47 -2.98 -5.69 -11.44
C PRO A 47 -3.25 -6.85 -12.39
N THR A 48 -2.43 -6.98 -13.42
CA THR A 48 -2.61 -7.99 -14.45
C THR A 48 -1.98 -9.33 -14.03
N GLN A 49 -2.84 -10.31 -13.81
CA GLN A 49 -2.37 -11.63 -13.42
C GLN A 49 -2.52 -12.57 -14.62
N GLY A 50 -1.72 -12.30 -15.64
CA GLY A 50 -1.85 -12.94 -16.95
C GLY A 50 -1.44 -11.95 -18.02
N PHE A 51 -2.16 -11.94 -19.14
CA PHE A 51 -1.88 -10.98 -20.21
C PHE A 51 -3.14 -10.22 -20.65
N ASN A 52 -2.95 -9.05 -21.24
CA ASN A 52 -4.01 -8.36 -21.98
C ASN A 52 -3.52 -8.17 -23.41
N ILE A 53 -4.37 -8.49 -24.38
CA ILE A 53 -4.02 -8.38 -25.80
C ILE A 53 -4.99 -7.45 -26.54
N LYS A 54 -4.45 -6.60 -27.40
CA LYS A 54 -5.27 -5.91 -28.40
C LYS A 54 -4.81 -6.44 -29.77
N SER A 55 -5.73 -7.06 -30.50
CA SER A 55 -5.44 -7.57 -31.83
C SER A 55 -6.19 -6.72 -32.86
N VAL A 56 -5.46 -5.80 -33.51
CA VAL A 56 -6.07 -4.84 -34.41
C VAL A 56 -5.88 -5.32 -35.83
N GLN A 57 -6.99 -5.53 -36.53
CA GLN A 57 -6.94 -6.15 -37.86
C GLN A 57 -7.76 -5.36 -38.85
N SER A 58 -7.11 -4.97 -39.95
CA SER A 58 -7.73 -4.19 -41.01
C SER A 58 -6.96 -4.38 -42.32
N GLN A 59 -7.69 -4.73 -43.39
CA GLN A 59 -7.16 -4.79 -44.76
C GLN A 59 -6.04 -5.83 -44.88
N GLY A 60 -6.30 -6.94 -44.20
CA GLY A 60 -5.39 -8.01 -43.95
C GLY A 60 -4.12 -7.68 -43.18
N PHE A 61 -4.05 -6.51 -42.55
CA PHE A 61 -2.91 -6.19 -41.68
C PHE A 61 -3.28 -6.56 -40.24
N LYS A 62 -2.30 -6.97 -39.46
CA LYS A 62 -2.51 -7.40 -38.10
C LYS A 62 -1.53 -6.72 -37.14
N LEU A 63 -2.07 -5.97 -36.19
CA LEU A 63 -1.26 -5.34 -35.16
C LEU A 63 -1.65 -5.97 -33.83
N ASN A 64 -0.73 -6.73 -33.25
CA ASN A 64 -0.99 -7.37 -31.97
C ASN A 64 -0.12 -6.74 -30.89
N VAL A 65 -0.77 -6.20 -29.86
CA VAL A 65 -0.05 -5.61 -28.73
C VAL A 65 -0.32 -6.45 -27.49
N TRP A 66 0.75 -6.94 -26.87
CA TRP A 66 0.67 -7.83 -25.72
C TRP A 66 1.15 -7.13 -24.45
N ASP A 67 0.30 -7.09 -23.43
CA ASP A 67 0.65 -6.53 -22.13
C ASP A 67 0.74 -7.70 -21.16
N ILE A 68 1.94 -8.01 -20.67
CA ILE A 68 2.12 -9.07 -19.71
C ILE A 68 2.28 -8.50 -18.30
N GLY A 69 1.57 -9.09 -17.34
CA GLY A 69 1.68 -8.68 -15.92
C GLY A 69 3.11 -8.63 -15.42
N GLY A 70 3.38 -7.64 -14.54
CA GLY A 70 4.72 -7.36 -14.06
C GLY A 70 5.06 -7.83 -12.65
N GLN A 71 4.07 -8.32 -11.91
CA GLN A 71 4.31 -8.91 -10.58
C GLN A 71 5.40 -9.98 -10.60
N ARG A 72 6.16 -10.07 -9.51
CA ARG A 72 7.30 -10.99 -9.41
C ARG A 72 6.92 -12.44 -9.74
N LYS A 73 5.70 -12.83 -9.39
CA LYS A 73 5.19 -14.17 -9.69
C LYS A 73 4.81 -14.39 -11.18
N ILE A 74 4.61 -13.31 -11.92
CA ILE A 74 4.26 -13.39 -13.35
C ILE A 74 5.51 -13.29 -14.22
N ARG A 75 6.47 -12.50 -13.76
CA ARG A 75 7.72 -12.25 -14.47
C ARG A 75 8.45 -13.47 -15.02
N PRO A 76 8.52 -14.58 -14.26
CA PRO A 76 9.23 -15.74 -14.80
C PRO A 76 8.62 -16.25 -16.11
N TYR A 77 7.36 -15.90 -16.37
CA TYR A 77 6.65 -16.30 -17.59
C TYR A 77 6.83 -15.35 -18.77
N TRP A 78 7.49 -14.20 -18.55
CA TRP A 78 7.76 -13.25 -19.63
C TRP A 78 8.37 -13.95 -20.85
N ARG A 79 9.32 -14.86 -20.58
CA ARG A 79 10.02 -15.63 -21.63
C ARG A 79 9.08 -16.37 -22.59
N SER A 80 7.94 -16.81 -22.09
CA SER A 80 6.96 -17.55 -22.91
C SER A 80 6.29 -16.69 -23.97
N TYR A 81 6.56 -15.38 -23.96
CA TYR A 81 5.89 -14.44 -24.88
C TYR A 81 6.83 -13.68 -25.80
N PHE A 82 8.10 -14.07 -25.83
CA PHE A 82 9.13 -13.35 -26.58
C PHE A 82 9.08 -13.60 -28.08
N GLU A 83 8.65 -14.79 -28.48
CA GLU A 83 8.74 -15.23 -29.88
C GLU A 83 8.01 -14.32 -30.85
N ASN A 84 8.69 -14.01 -31.96
CA ASN A 84 8.12 -13.22 -33.07
C ASN A 84 7.84 -11.77 -32.74
N THR A 85 8.43 -11.27 -31.66
CA THR A 85 8.31 -9.86 -31.28
C THR A 85 9.04 -8.96 -32.26
N ASP A 86 8.37 -7.91 -32.72
CA ASP A 86 8.96 -6.94 -33.64
C ASP A 86 9.46 -5.69 -32.91
N ILE A 87 8.78 -5.32 -31.82
CA ILE A 87 9.11 -4.13 -31.02
C ILE A 87 8.88 -4.43 -29.55
N LEU A 88 9.87 -4.11 -28.71
CA LEU A 88 9.69 -4.13 -27.27
C LEU A 88 9.41 -2.72 -26.74
N ILE A 89 8.35 -2.56 -25.96
CA ILE A 89 8.10 -1.31 -25.25
C ILE A 89 8.29 -1.60 -23.78
N TYR A 90 9.28 -0.96 -23.17
CA TYR A 90 9.57 -1.20 -21.76
C TYR A 90 9.17 0.02 -20.95
N VAL A 91 8.25 -0.17 -20.01
CA VAL A 91 7.64 0.93 -19.27
C VAL A 91 8.22 1.02 -17.87
N ILE A 92 8.56 2.24 -17.46
CA ILE A 92 9.14 2.49 -16.14
C ILE A 92 8.35 3.57 -15.42
N ASP A 93 8.02 3.33 -14.15
CA ASP A 93 7.47 4.36 -13.27
C ASP A 93 8.59 5.34 -12.91
N SER A 94 8.57 6.51 -13.53
CA SER A 94 9.63 7.51 -13.36
C SER A 94 9.74 8.09 -11.95
N ALA A 95 8.69 7.95 -11.16
CA ALA A 95 8.67 8.45 -9.78
C ALA A 95 9.02 7.39 -8.73
N ASP A 96 9.12 6.12 -9.13
CA ASP A 96 9.45 5.07 -8.17
C ASP A 96 10.96 4.77 -8.16
N ARG A 97 11.71 5.68 -7.54
CA ARG A 97 13.18 5.63 -7.54
C ARG A 97 13.75 4.42 -6.84
N LYS A 98 13.09 3.96 -5.76
CA LYS A 98 13.56 2.77 -5.04
C LYS A 98 13.59 1.53 -5.94
N ARG A 99 12.84 1.57 -7.03
CA ARG A 99 12.73 0.43 -7.94
C ARG A 99 13.56 0.59 -9.23
N PHE A 100 14.30 1.69 -9.34
CA PHE A 100 15.14 1.95 -10.52
C PHE A 100 16.16 0.84 -10.78
N GLU A 101 16.70 0.28 -9.70
CA GLU A 101 17.71 -0.77 -9.81
C GLU A 101 17.06 -2.10 -10.19
N GLU A 102 15.89 -2.37 -9.63
CA GLU A 102 15.11 -3.54 -9.99
C GLU A 102 14.73 -3.52 -11.47
N THR A 103 14.31 -2.35 -11.97
CA THR A 103 13.88 -2.27 -13.36
C THR A 103 15.03 -2.31 -14.34
N GLY A 104 16.17 -1.73 -13.96
CA GLY A 104 17.39 -1.80 -14.75
C GLY A 104 17.86 -3.23 -14.92
N GLN A 105 17.77 -3.99 -13.83
CA GLN A 105 18.11 -5.41 -13.83
C GLN A 105 17.22 -6.20 -14.82
N GLU A 106 15.92 -5.98 -14.77
CA GLU A 106 14.99 -6.66 -15.68
C GLU A 106 15.24 -6.27 -17.14
N LEU A 107 15.44 -4.98 -17.39
CA LEU A 107 15.76 -4.51 -18.74
C LEU A 107 17.05 -5.14 -19.26
N THR A 108 18.08 -5.16 -18.41
CA THR A 108 19.36 -5.78 -18.75
C THR A 108 19.17 -7.23 -19.20
N GLU A 109 18.35 -7.97 -18.46
CA GLU A 109 18.06 -9.37 -18.82
C GLU A 109 17.37 -9.48 -20.18
N LEU A 110 16.33 -8.68 -20.37
CA LEU A 110 15.59 -8.66 -21.64
C LEU A 110 16.50 -8.44 -22.84
N LEU A 111 17.44 -7.52 -22.71
CA LEU A 111 18.33 -7.17 -23.82
C LEU A 111 19.47 -8.17 -24.04
N GLU A 112 19.55 -9.19 -23.18
CA GLU A 112 20.46 -10.32 -23.40
C GLU A 112 19.72 -11.55 -23.98
N GLU A 113 18.38 -11.53 -23.90
CA GLU A 113 17.57 -12.67 -24.35
C GLU A 113 17.72 -12.96 -25.84
N GLU A 114 18.04 -14.22 -26.12
CA GLU A 114 18.23 -14.70 -27.49
C GLU A 114 17.01 -14.39 -28.37
N LYS A 115 15.81 -14.63 -27.86
CA LYS A 115 14.58 -14.43 -28.63
C LYS A 115 14.26 -12.95 -28.87
N LEU A 116 14.93 -12.05 -28.15
CA LEU A 116 14.73 -10.62 -28.36
C LEU A 116 15.91 -9.91 -29.05
N SER A 117 16.82 -10.68 -29.61
CA SER A 117 18.01 -10.08 -30.23
C SER A 117 17.64 -9.18 -31.40
N CYS A 118 18.29 -8.02 -31.46
CA CYS A 118 18.08 -7.01 -32.51
C CYS A 118 16.70 -6.30 -32.49
N VAL A 119 15.84 -6.69 -31.57
CA VAL A 119 14.50 -6.09 -31.46
C VAL A 119 14.62 -4.64 -30.97
N PRO A 120 14.08 -3.67 -31.75
CA PRO A 120 14.07 -2.27 -31.28
C PRO A 120 13.35 -2.15 -29.94
N VAL A 121 13.87 -1.29 -29.08
CA VAL A 121 13.27 -1.08 -27.78
C VAL A 121 12.91 0.40 -27.55
N LEU A 122 11.63 0.64 -27.32
CA LEU A 122 11.20 1.94 -26.83
C LEU A 122 11.10 1.85 -25.30
N ILE A 123 11.78 2.75 -24.59
CA ILE A 123 11.62 2.87 -23.15
C ILE A 123 10.71 4.05 -22.86
N PHE A 124 9.57 3.78 -22.23
CA PHE A 124 8.67 4.83 -21.80
C PHE A 124 8.99 5.16 -20.36
N ALA A 125 9.51 6.37 -20.15
CA ALA A 125 9.65 6.93 -18.80
C ALA A 125 8.30 7.51 -18.42
N ASN A 126 7.46 6.66 -17.82
CA ASN A 126 6.04 6.94 -17.59
C ASN A 126 5.77 7.71 -16.29
N LYS A 127 4.55 8.23 -16.16
CA LYS A 127 4.10 8.98 -14.98
C LYS A 127 4.83 10.32 -14.83
N GLN A 128 5.09 10.98 -15.96
CA GLN A 128 5.74 12.29 -15.96
C GLN A 128 4.84 13.40 -15.42
N ASP A 129 3.56 13.11 -15.27
CA ASP A 129 2.59 14.00 -14.62
C ASP A 129 2.84 14.14 -13.11
N LEU A 130 3.55 13.16 -12.53
CA LEU A 130 3.92 13.21 -11.11
C LEU A 130 5.10 14.15 -10.89
N LEU A 131 5.04 14.91 -9.80
CA LEU A 131 5.99 16.01 -9.58
C LEU A 131 7.40 15.52 -9.26
N THR A 132 7.48 14.37 -8.61
CA THR A 132 8.75 13.75 -8.23
C THR A 132 9.34 12.86 -9.32
N ALA A 133 8.70 12.80 -10.49
CA ALA A 133 9.17 11.93 -11.57
C ALA A 133 10.55 12.37 -12.06
N ALA A 134 11.47 11.41 -12.12
CA ALA A 134 12.79 11.63 -12.71
C ALA A 134 12.63 11.90 -14.20
N PRO A 135 13.40 12.87 -14.74
CA PRO A 135 13.33 13.11 -16.18
C PRO A 135 13.94 11.95 -16.97
N ALA A 136 13.53 11.81 -18.23
CA ALA A 136 13.99 10.72 -19.10
C ALA A 136 15.51 10.62 -19.19
N SER A 137 16.16 11.77 -19.39
CA SER A 137 17.62 11.85 -19.53
C SER A 137 18.33 11.28 -18.31
N GLU A 138 17.77 11.50 -17.13
CA GLU A 138 18.32 10.97 -15.89
C GLU A 138 18.14 9.44 -15.81
N ILE A 139 16.98 8.96 -16.21
CA ILE A 139 16.71 7.51 -16.25
C ILE A 139 17.64 6.83 -17.26
N ALA A 140 17.84 7.46 -18.41
CA ALA A 140 18.74 6.96 -19.46
C ALA A 140 20.18 6.83 -18.96
N GLU A 141 20.65 7.85 -18.25
CA GLU A 141 21.99 7.84 -17.64
C GLU A 141 22.10 6.71 -16.62
N GLY A 142 21.11 6.62 -15.74
CA GLY A 142 21.08 5.58 -14.70
C GLY A 142 21.10 4.15 -15.22
N LEU A 143 20.46 3.92 -16.36
CA LEU A 143 20.37 2.58 -16.97
C LEU A 143 21.46 2.34 -18.01
N ASN A 144 22.30 3.35 -18.24
CA ASN A 144 23.39 3.28 -19.22
C ASN A 144 22.91 2.92 -20.64
N LEU A 145 21.77 3.48 -21.04
CA LEU A 145 21.17 3.19 -22.33
C LEU A 145 22.13 3.43 -23.50
N HIS A 146 23.09 4.33 -23.30
CA HIS A 146 24.10 4.64 -24.31
C HIS A 146 25.02 3.46 -24.63
N THR A 147 25.05 2.45 -23.75
CA THR A 147 25.91 1.27 -23.94
C THR A 147 25.23 0.16 -24.76
N ILE A 148 23.99 0.41 -25.20
CA ILE A 148 23.26 -0.55 -26.04
C ILE A 148 23.89 -0.63 -27.43
N ARG A 149 24.35 -1.83 -27.79
CA ARG A 149 25.13 -2.04 -29.01
C ARG A 149 24.29 -2.64 -30.13
N ASP A 150 23.46 -3.60 -29.77
CA ASP A 150 22.89 -4.57 -30.73
C ASP A 150 21.52 -4.22 -31.34
N ARG A 151 21.02 -3.01 -31.10
CA ARG A 151 19.69 -2.61 -31.55
C ARG A 151 19.47 -1.11 -31.54
N VAL A 152 18.45 -0.64 -32.25
CA VAL A 152 17.98 0.74 -32.09
C VAL A 152 17.17 0.87 -30.82
N TRP A 153 17.29 2.02 -30.17
CA TRP A 153 16.54 2.28 -28.95
C TRP A 153 16.16 3.76 -28.85
N GLN A 154 15.17 4.02 -28.00
CA GLN A 154 14.68 5.36 -27.75
C GLN A 154 14.11 5.39 -26.35
N ILE A 155 14.33 6.48 -25.63
CA ILE A 155 13.61 6.76 -24.39
C ILE A 155 12.62 7.91 -24.63
N GLN A 156 11.41 7.78 -24.10
CA GLN A 156 10.39 8.79 -24.29
C GLN A 156 9.66 9.08 -22.99
N SER A 157 9.68 10.35 -22.58
CA SER A 157 8.89 10.83 -21.45
C SER A 157 7.41 10.78 -21.79
N CYS A 158 6.62 10.19 -20.92
CA CYS A 158 5.19 10.13 -21.16
C CYS A 158 4.39 10.08 -19.87
N SER A 159 3.09 10.33 -19.99
CA SER A 159 2.12 10.03 -18.97
C SER A 159 1.03 9.22 -19.63
N ALA A 160 0.95 7.93 -19.30
CA ALA A 160 -0.12 7.06 -19.80
C ALA A 160 -1.49 7.55 -19.31
N LEU A 161 -1.50 8.19 -18.14
CA LEU A 161 -2.74 8.73 -17.58
C LEU A 161 -3.31 9.85 -18.44
N THR A 162 -2.47 10.82 -18.77
CA THR A 162 -2.92 12.02 -19.50
C THR A 162 -2.79 11.86 -21.02
N GLY A 163 -1.94 10.94 -21.47
CA GLY A 163 -1.68 10.75 -22.90
C GLY A 163 -0.47 11.48 -23.42
N GLU A 164 0.05 12.42 -22.64
CA GLU A 164 1.18 13.25 -23.09
C GLU A 164 2.43 12.43 -23.31
N GLY A 165 3.10 12.67 -24.43
CA GLY A 165 4.31 11.92 -24.79
C GLY A 165 4.09 10.57 -25.45
N VAL A 166 2.87 10.03 -25.34
CA VAL A 166 2.56 8.70 -25.87
C VAL A 166 2.66 8.63 -27.40
N GLN A 167 2.06 9.60 -28.08
CA GLN A 167 2.10 9.64 -29.53
C GLN A 167 3.53 9.78 -30.08
N ASP A 168 4.36 10.60 -29.42
CA ASP A 168 5.77 10.72 -29.81
C ASP A 168 6.52 9.40 -29.70
N GLY A 169 6.23 8.63 -28.66
CA GLY A 169 6.80 7.29 -28.50
C GLY A 169 6.37 6.37 -29.62
N MET A 170 5.07 6.35 -29.90
CA MET A 170 4.52 5.44 -30.93
C MET A 170 4.94 5.83 -32.35
N ASN A 171 5.17 7.12 -32.56
CA ASN A 171 5.72 7.62 -33.82
C ASN A 171 7.12 7.09 -34.07
N TRP A 172 7.95 7.06 -33.03
CA TRP A 172 9.27 6.42 -33.12
C TRP A 172 9.12 4.92 -33.45
N VAL A 173 8.18 4.25 -32.78
CA VAL A 173 7.93 2.83 -33.03
C VAL A 173 7.60 2.60 -34.52
N CYS A 174 6.66 3.39 -35.05
CA CYS A 174 6.25 3.27 -36.43
C CYS A 174 7.39 3.48 -37.43
N LYS A 175 8.25 4.45 -37.16
CA LYS A 175 9.43 4.71 -37.99
C LYS A 175 10.46 3.59 -37.94
N ASN A 176 10.47 2.82 -36.86
CA ASN A 176 11.51 1.81 -36.65
C ASN A 176 11.06 0.34 -36.72
N VAL A 177 9.89 0.07 -37.26
CA VAL A 177 9.49 -1.31 -37.52
C VAL A 177 10.26 -1.84 -38.74
N GLY B 2 15.86 5.59 16.34
CA GLY B 2 14.78 5.36 17.33
C GLY B 2 13.52 6.15 17.03
N LEU B 3 12.81 6.57 18.08
CA LEU B 3 11.56 7.30 17.91
C LEU B 3 11.75 8.63 17.18
N LEU B 4 12.83 9.34 17.51
CA LEU B 4 13.11 10.63 16.87
C LEU B 4 13.37 10.53 15.36
N SER B 5 14.15 9.52 14.95
CA SER B 5 14.46 9.35 13.53
C SER B 5 13.23 8.85 12.78
N ILE B 6 12.37 8.10 13.48
CA ILE B 6 11.07 7.66 12.94
C ILE B 6 10.18 8.88 12.68
N LEU B 7 10.17 9.82 13.63
CA LEU B 7 9.50 11.12 13.49
C LEU B 7 10.04 11.86 12.25
N ARG B 8 11.36 11.93 12.14
CA ARG B 8 12.03 12.58 11.01
C ARG B 8 11.59 12.02 9.66
N LYS B 9 11.45 10.69 9.61
CA LYS B 9 11.02 10.01 8.40
C LYS B 9 9.57 10.30 8.06
N LEU B 10 8.73 10.41 9.09
CA LEU B 10 7.28 10.51 8.90
C LEU B 10 6.75 11.90 8.56
N LYS B 11 7.44 12.96 8.98
CA LYS B 11 6.97 14.33 8.75
C LYS B 11 6.95 14.70 7.26
N SER B 12 5.82 15.24 6.82
CA SER B 12 5.57 15.56 5.42
C SER B 12 4.54 16.69 5.31
N ALA B 13 3.34 16.45 5.86
CA ALA B 13 2.31 17.48 5.97
C ALA B 13 2.62 18.36 7.19
N PRO B 14 2.09 19.60 7.20
CA PRO B 14 2.43 20.59 8.24
C PRO B 14 2.08 20.22 9.69
N ASP B 15 1.07 19.37 9.89
CA ASP B 15 0.59 19.09 11.25
C ASP B 15 -0.05 17.71 11.39
N GLN B 16 0.76 16.70 11.71
CA GLN B 16 0.28 15.32 11.78
C GLN B 16 0.55 14.70 13.15
N GLU B 17 -0.24 13.67 13.48
CA GLU B 17 -0.06 12.91 14.69
C GLU B 17 -0.29 11.42 14.47
N VAL B 18 0.55 10.61 15.10
CA VAL B 18 0.43 9.16 15.04
C VAL B 18 0.41 8.60 16.46
N ARG B 19 -0.57 7.75 16.73
CA ARG B 19 -0.69 7.10 18.01
C ARG B 19 -0.42 5.61 17.83
N ILE B 20 0.57 5.11 18.56
CA ILE B 20 0.93 3.69 18.52
C ILE B 20 0.63 3.05 19.87
N LEU B 21 -0.12 1.95 19.84
CA LEU B 21 -0.44 1.22 21.04
C LEU B 21 0.36 -0.08 21.10
N LEU B 22 1.05 -0.30 22.23
CA LEU B 22 1.82 -1.51 22.51
C LEU B 22 1.07 -2.42 23.49
N LEU B 23 0.66 -3.58 23.02
CA LEU B 23 -0.03 -4.55 23.87
C LEU B 23 0.63 -5.92 23.80
N GLY B 24 0.18 -6.83 24.66
CA GLY B 24 0.74 -8.16 24.75
C GLY B 24 0.70 -8.59 26.21
N LEU B 25 0.91 -9.88 26.45
CA LEU B 25 0.91 -10.43 27.80
C LEU B 25 2.02 -9.80 28.64
N ASP B 26 1.80 -9.78 29.95
CA ASP B 26 2.85 -9.49 30.91
C ASP B 26 4.08 -10.33 30.56
N ASN B 27 5.27 -9.74 30.73
CA ASN B 27 6.54 -10.42 30.46
C ASN B 27 6.91 -10.58 28.98
N ALA B 28 6.07 -10.10 28.07
CA ALA B 28 6.32 -10.24 26.63
C ALA B 28 7.53 -9.45 26.13
N GLY B 29 7.80 -8.31 26.78
CA GLY B 29 8.91 -7.42 26.41
C GLY B 29 8.50 -6.03 25.92
N LYS B 30 7.27 -5.60 26.26
CA LYS B 30 6.70 -4.33 25.77
C LYS B 30 7.48 -3.10 26.22
N THR B 31 7.73 -3.00 27.52
CA THR B 31 8.42 -1.83 28.09
C THR B 31 9.86 -1.82 27.63
N THR B 32 10.47 -3.01 27.55
CA THR B 32 11.83 -3.14 27.01
C THR B 32 11.91 -2.60 25.57
N LEU B 33 10.96 -2.98 24.74
CA LEU B 33 10.87 -2.48 23.38
C LEU B 33 10.72 -0.96 23.36
N LEU B 34 9.85 -0.43 24.22
CA LEU B 34 9.62 1.02 24.29
C LEU B 34 10.89 1.79 24.60
N LYS B 35 11.63 1.34 25.60
CA LYS B 35 12.87 2.00 26.01
C LYS B 35 13.97 1.84 24.97
N GLN B 36 14.00 0.67 24.32
CA GLN B 36 14.91 0.42 23.20
C GLN B 36 14.68 1.49 22.12
N LEU B 37 13.43 1.62 21.68
CA LEU B 37 13.06 2.65 20.69
C LEU B 37 13.40 4.07 21.12
N ALA B 38 13.30 4.33 22.43
CA ALA B 38 13.56 5.65 22.98
C ALA B 38 15.05 5.89 23.31
N SER B 39 15.89 4.92 22.97
CA SER B 39 17.33 4.93 23.31
C SER B 39 17.57 5.16 24.81
N GLU B 40 16.79 4.46 25.63
CA GLU B 40 16.81 4.64 27.08
C GLU B 40 17.37 3.39 27.75
N ASP B 41 18.06 3.57 28.88
CA ASP B 41 18.58 2.46 29.67
C ASP B 41 17.46 1.48 30.04
N ILE B 42 17.68 0.21 29.74
CA ILE B 42 16.67 -0.84 29.93
C ILE B 42 16.88 -1.71 31.17
N SER B 43 17.82 -1.34 32.03
CA SER B 43 18.22 -2.21 33.14
C SER B 43 17.44 -2.04 34.45
N HIS B 44 16.51 -1.08 34.50
CA HIS B 44 15.75 -0.82 35.73
C HIS B 44 14.26 -1.14 35.58
N ILE B 45 13.92 -1.86 34.52
CA ILE B 45 12.52 -2.19 34.19
C ILE B 45 11.89 -3.16 35.18
N THR B 46 10.68 -2.84 35.61
CA THR B 46 9.86 -3.74 36.44
C THR B 46 8.48 -3.87 35.76
N PRO B 47 7.66 -4.85 36.20
CA PRO B 47 6.33 -4.98 35.60
C PRO B 47 5.53 -3.68 35.63
N THR B 48 4.87 -3.37 34.52
CA THR B 48 4.13 -2.11 34.37
C THR B 48 2.73 -2.22 34.98
N GLN B 49 2.52 -1.51 36.06
CA GLN B 49 1.22 -1.47 36.71
C GLN B 49 0.54 -0.14 36.37
N GLY B 50 0.20 0.02 35.09
CA GLY B 50 -0.29 1.27 34.53
C GLY B 50 0.17 1.38 33.08
N PHE B 51 0.59 2.58 32.70
CA PHE B 51 1.12 2.82 31.35
C PHE B 51 2.47 3.53 31.38
N ASN B 52 3.25 3.33 30.31
CA ASN B 52 4.39 4.19 29.99
C ASN B 52 4.12 4.84 28.63
N ILE B 53 4.35 6.15 28.55
CA ILE B 53 4.16 6.90 27.30
C ILE B 53 5.46 7.56 26.87
N LYS B 54 5.74 7.51 25.57
CA LYS B 54 6.72 8.40 24.96
C LYS B 54 5.97 9.33 24.00
N SER B 55 6.05 10.63 24.25
CA SER B 55 5.39 11.62 23.40
C SER B 55 6.48 12.41 22.69
N VAL B 56 6.69 12.10 21.43
CA VAL B 56 7.77 12.69 20.65
C VAL B 56 7.17 13.79 19.78
N GLN B 57 7.62 15.02 20.01
CA GLN B 57 7.04 16.17 19.33
C GLN B 57 8.11 17.06 18.72
N SER B 58 7.99 17.26 17.40
CA SER B 58 8.92 18.07 16.62
C SER B 58 8.20 18.60 15.37
N GLN B 59 8.22 19.92 15.20
CA GLN B 59 7.82 20.57 13.94
C GLN B 59 6.36 20.61 13.44
N GLY B 60 5.30 20.83 14.22
CA GLY B 60 4.85 20.10 15.37
C GLY B 60 4.12 18.87 14.86
N PHE B 61 4.92 17.85 14.56
CA PHE B 61 4.43 16.50 14.40
C PHE B 61 4.41 15.87 15.80
N LYS B 62 3.47 14.96 16.04
CA LYS B 62 3.33 14.31 17.32
C LYS B 62 3.32 12.80 17.16
N LEU B 63 4.31 12.14 17.77
CA LEU B 63 4.35 10.69 17.80
C LEU B 63 4.20 10.21 19.24
N ASN B 64 3.04 9.63 19.55
CA ASN B 64 2.76 9.12 20.87
C ASN B 64 2.77 7.61 20.86
N VAL B 65 3.61 7.01 21.71
CA VAL B 65 3.67 5.56 21.84
C VAL B 65 3.25 5.17 23.25
N TRP B 66 2.23 4.32 23.33
CA TRP B 66 1.65 3.90 24.60
C TRP B 66 1.96 2.44 24.92
N ASP B 67 2.57 2.22 26.08
CA ASP B 67 2.87 0.89 26.56
C ASP B 67 1.97 0.61 27.77
N ILE B 68 1.00 -0.29 27.60
CA ILE B 68 0.06 -0.63 28.69
C ILE B 68 0.48 -1.96 29.32
N GLY B 69 0.50 -2.00 30.65
CA GLY B 69 0.83 -3.23 31.38
C GLY B 69 0.02 -4.44 30.96
N GLY B 70 0.65 -5.60 31.02
CA GLY B 70 0.06 -6.84 30.51
C GLY B 70 -0.49 -7.83 31.54
N GLN B 71 -0.25 -7.57 32.83
CA GLN B 71 -0.76 -8.44 33.90
C GLN B 71 -2.27 -8.61 33.80
N ARG B 72 -2.75 -9.78 34.23
CA ARG B 72 -4.16 -10.12 34.14
C ARG B 72 -5.07 -9.07 34.79
N LYS B 73 -4.58 -8.41 35.84
CA LYS B 73 -5.35 -7.37 36.53
C LYS B 73 -5.37 -6.04 35.78
N ILE B 74 -4.43 -5.83 34.85
CA ILE B 74 -4.33 -4.59 34.07
C ILE B 74 -5.08 -4.72 32.73
N ARG B 75 -5.09 -5.94 32.18
CA ARG B 75 -5.72 -6.24 30.89
C ARG B 75 -7.16 -5.78 30.70
N PRO B 76 -8.01 -5.90 31.74
CA PRO B 76 -9.38 -5.41 31.52
C PRO B 76 -9.44 -3.92 31.16
N TYR B 77 -8.39 -3.18 31.48
CA TYR B 77 -8.31 -1.74 31.19
C TYR B 77 -7.76 -1.39 29.81
N TRP B 78 -7.29 -2.40 29.09
CA TRP B 78 -6.77 -2.22 27.73
C TRP B 78 -7.75 -1.41 26.88
N ARG B 79 -9.04 -1.75 26.99
CA ARG B 79 -10.13 -1.07 26.25
C ARG B 79 -10.12 0.45 26.39
N SER B 80 -9.74 0.95 27.57
CA SER B 80 -9.71 2.39 27.86
C SER B 80 -8.64 3.15 27.05
N TYR B 81 -7.79 2.43 26.33
CA TYR B 81 -6.70 3.04 25.57
C TYR B 81 -6.76 2.81 24.06
N PHE B 82 -7.86 2.26 23.57
CA PHE B 82 -8.00 1.93 22.13
C PHE B 82 -8.21 3.15 21.23
N GLU B 83 -8.92 4.16 21.72
CA GLU B 83 -9.36 5.29 20.90
C GLU B 83 -8.24 6.02 20.16
N ASN B 84 -8.49 6.29 18.89
CA ASN B 84 -7.58 7.07 18.04
C ASN B 84 -6.24 6.40 17.73
N THR B 85 -6.18 5.07 17.92
CA THR B 85 -4.99 4.29 17.61
C THR B 85 -4.81 4.18 16.10
N ASP B 86 -3.60 4.46 15.64
CA ASP B 86 -3.26 4.36 14.22
C ASP B 86 -2.56 3.04 13.91
N ILE B 87 -1.76 2.56 14.86
CA ILE B 87 -1.01 1.31 14.70
C ILE B 87 -1.02 0.50 16.01
N LEU B 88 -1.38 -0.77 15.91
CA LEU B 88 -1.23 -1.71 17.03
C LEU B 88 0.06 -2.50 16.87
N ILE B 89 0.87 -2.52 17.92
CA ILE B 89 2.04 -3.39 17.97
C ILE B 89 1.78 -4.41 19.05
N TYR B 90 1.72 -5.68 18.65
CA TYR B 90 1.41 -6.75 19.59
C TYR B 90 2.64 -7.64 19.79
N VAL B 91 3.11 -7.66 21.03
CA VAL B 91 4.39 -8.30 21.36
C VAL B 91 4.15 -9.65 22.01
N ILE B 92 4.91 -10.64 21.55
CA ILE B 92 4.82 -12.01 22.05
C ILE B 92 6.19 -12.51 22.48
N ASP B 93 6.27 -13.12 23.66
CA ASP B 93 7.47 -13.83 24.08
C ASP B 93 7.54 -15.16 23.31
N SER B 94 8.44 -15.21 22.33
CA SER B 94 8.55 -16.36 21.42
C SER B 94 8.99 -17.65 22.10
N ALA B 95 9.59 -17.52 23.28
CA ALA B 95 10.08 -18.68 24.02
C ALA B 95 9.11 -19.20 25.09
N ASP B 96 8.03 -18.45 25.34
CA ASP B 96 7.02 -18.88 26.32
C ASP B 96 5.84 -19.63 25.67
N ARG B 97 6.11 -20.88 25.30
CA ARG B 97 5.17 -21.72 24.55
C ARG B 97 3.89 -22.02 25.32
N LYS B 98 3.99 -22.19 26.63
CA LYS B 98 2.82 -22.50 27.45
C LYS B 98 1.78 -21.37 27.38
N ARG B 99 2.23 -20.19 26.97
CA ARG B 99 1.37 -19.00 26.93
C ARG B 99 0.91 -18.63 25.53
N PHE B 100 1.30 -19.42 24.52
CA PHE B 100 0.93 -19.18 23.13
C PHE B 100 -0.60 -19.13 22.93
N GLU B 101 -1.31 -19.97 23.66
CA GLU B 101 -2.77 -20.05 23.57
C GLU B 101 -3.43 -18.86 24.27
N GLU B 102 -2.86 -18.46 25.40
CA GLU B 102 -3.32 -17.28 26.11
C GLU B 102 -3.15 -16.02 25.23
N THR B 103 -1.99 -15.90 24.59
CA THR B 103 -1.72 -14.70 23.78
C THR B 103 -2.52 -14.66 22.48
N GLY B 104 -2.77 -15.82 21.90
CA GLY B 104 -3.62 -15.94 20.71
C GLY B 104 -5.04 -15.52 21.01
N GLN B 105 -5.53 -15.91 22.18
CA GLN B 105 -6.84 -15.51 22.68
C GLN B 105 -6.97 -13.98 22.82
N GLU B 106 -5.95 -13.35 23.42
CA GLU B 106 -5.96 -11.89 23.60
C GLU B 106 -5.91 -11.17 22.27
N LEU B 107 -5.03 -11.62 21.37
CA LEU B 107 -4.95 -11.02 20.04
C LEU B 107 -6.28 -11.15 19.29
N THR B 108 -6.88 -12.34 19.36
CA THR B 108 -8.18 -12.58 18.73
C THR B 108 -9.24 -11.57 19.19
N GLU B 109 -9.27 -11.29 20.49
CA GLU B 109 -10.18 -10.31 21.05
C GLU B 109 -9.91 -8.91 20.53
N LEU B 110 -8.64 -8.51 20.52
CA LEU B 110 -8.23 -7.20 20.03
C LEU B 110 -8.68 -6.96 18.60
N LEU B 111 -8.53 -7.97 17.75
CA LEU B 111 -8.86 -7.83 16.34
C LEU B 111 -10.36 -7.88 16.06
N GLU B 112 -11.15 -8.13 17.10
CA GLU B 112 -12.61 -8.03 17.00
C GLU B 112 -13.13 -6.71 17.56
N GLU B 113 -12.28 -6.00 18.31
CA GLU B 113 -12.66 -4.74 18.95
C GLU B 113 -13.06 -3.65 17.97
N GLU B 114 -14.27 -3.12 18.17
CA GLU B 114 -14.83 -2.04 17.36
C GLU B 114 -13.88 -0.84 17.21
N LYS B 115 -13.28 -0.42 18.32
CA LYS B 115 -12.37 0.73 18.34
C LYS B 115 -11.04 0.47 17.63
N LEU B 116 -10.75 -0.80 17.34
CA LEU B 116 -9.50 -1.15 16.65
C LEU B 116 -9.70 -1.66 15.22
N SER B 117 -10.91 -1.46 14.68
CA SER B 117 -11.22 -1.93 13.32
C SER B 117 -10.34 -1.25 12.27
N CYS B 118 -9.84 -2.06 11.34
CA CYS B 118 -8.99 -1.61 10.23
C CYS B 118 -7.58 -1.15 10.64
N VAL B 119 -7.29 -1.14 11.94
CA VAL B 119 -5.99 -0.70 12.44
C VAL B 119 -4.89 -1.70 12.05
N PRO B 120 -3.85 -1.25 11.35
CA PRO B 120 -2.73 -2.14 11.03
C PRO B 120 -2.13 -2.74 12.30
N VAL B 121 -1.77 -4.01 12.24
CA VAL B 121 -1.16 -4.69 13.38
C VAL B 121 0.21 -5.27 13.03
N LEU B 122 1.24 -4.80 13.74
CA LEU B 122 2.56 -5.43 13.70
C LEU B 122 2.67 -6.41 14.86
N ILE B 123 2.91 -7.67 14.55
CA ILE B 123 3.18 -8.66 15.58
C ILE B 123 4.68 -8.83 15.73
N PHE B 124 5.20 -8.45 16.88
CA PHE B 124 6.61 -8.71 17.21
C PHE B 124 6.74 -10.06 17.89
N ALA B 125 7.41 -10.98 17.20
CA ALA B 125 7.81 -12.25 17.81
C ALA B 125 9.12 -12.01 18.55
N ASN B 126 8.99 -11.60 19.81
CA ASN B 126 10.11 -11.07 20.58
C ASN B 126 10.95 -12.16 21.27
N LYS B 127 12.13 -11.76 21.73
CA LYS B 127 13.07 -12.62 22.46
C LYS B 127 13.68 -13.70 21.56
N GLN B 128 13.95 -13.34 20.30
CA GLN B 128 14.57 -14.27 19.35
C GLN B 128 16.04 -14.61 19.70
N ASP B 129 16.63 -13.81 20.59
CA ASP B 129 17.96 -14.10 21.14
C ASP B 129 17.98 -15.38 22.00
N LEU B 130 16.82 -15.78 22.50
CA LEU B 130 16.70 -17.01 23.30
C LEU B 130 16.72 -18.24 22.40
N LEU B 131 17.40 -19.28 22.84
CA LEU B 131 17.65 -20.45 21.99
C LEU B 131 16.38 -21.27 21.74
N THR B 132 15.48 -21.27 22.72
CA THR B 132 14.22 -22.01 22.63
C THR B 132 13.08 -21.20 21.99
N ALA B 133 13.38 -20.01 21.51
CA ALA B 133 12.37 -19.17 20.86
C ALA B 133 11.81 -19.82 19.60
N ALA B 134 10.48 -19.88 19.50
CA ALA B 134 9.82 -20.33 18.27
C ALA B 134 10.06 -19.31 17.17
N PRO B 135 10.32 -19.77 15.93
CA PRO B 135 10.46 -18.83 14.82
C PRO B 135 9.14 -18.14 14.48
N ALA B 136 9.23 -16.96 13.87
CA ALA B 136 8.04 -16.16 13.56
C ALA B 136 7.00 -16.93 12.74
N SER B 137 7.47 -17.62 11.70
CA SER B 137 6.60 -18.39 10.80
C SER B 137 5.77 -19.42 11.56
N GLU B 138 6.36 -20.04 12.57
CA GLU B 138 5.67 -21.00 13.42
C GLU B 138 4.61 -20.32 14.29
N ILE B 139 4.93 -19.16 14.83
CA ILE B 139 3.97 -18.37 15.62
C ILE B 139 2.81 -17.92 14.74
N ALA B 140 3.13 -17.46 13.53
CA ALA B 140 2.11 -17.04 12.55
C ALA B 140 1.12 -18.16 12.22
N GLU B 141 1.65 -19.36 11.98
CA GLU B 141 0.85 -20.56 11.72
C GLU B 141 -0.06 -20.88 12.90
N GLY B 142 0.52 -20.88 14.10
CA GLY B 142 -0.21 -21.18 15.33
C GLY B 142 -1.34 -20.22 15.64
N LEU B 143 -1.17 -18.95 15.27
CA LEU B 143 -2.18 -17.91 15.52
C LEU B 143 -3.11 -17.69 14.33
N ASN B 144 -2.87 -18.43 13.23
CA ASN B 144 -3.66 -18.33 12.00
C ASN B 144 -3.72 -16.92 11.44
N LEU B 145 -2.59 -16.22 11.47
CA LEU B 145 -2.51 -14.83 11.02
C LEU B 145 -2.99 -14.66 9.57
N HIS B 146 -2.88 -15.74 8.78
CA HIS B 146 -3.31 -15.72 7.38
C HIS B 146 -4.83 -15.53 7.22
N THR B 147 -5.59 -15.75 8.30
CA THR B 147 -7.06 -15.60 8.28
C THR B 147 -7.54 -14.18 8.59
N ILE B 148 -6.59 -13.27 8.80
CA ILE B 148 -6.91 -11.85 9.06
C ILE B 148 -7.44 -11.19 7.77
N ARG B 149 -8.69 -10.72 7.85
CA ARG B 149 -9.41 -10.21 6.68
C ARG B 149 -9.38 -8.69 6.61
N ASP B 150 -9.60 -8.05 7.76
CA ASP B 150 -10.04 -6.66 7.84
C ASP B 150 -8.94 -5.59 7.94
N ARG B 151 -7.67 -6.00 7.81
CA ARG B 151 -6.55 -5.07 8.01
C ARG B 151 -5.24 -5.59 7.42
N VAL B 152 -4.28 -4.70 7.26
CA VAL B 152 -2.91 -5.11 6.93
C VAL B 152 -2.23 -5.59 8.20
N TRP B 153 -1.38 -6.59 8.07
CA TRP B 153 -0.63 -7.13 9.20
C TRP B 153 0.76 -7.60 8.80
N GLN B 154 1.62 -7.75 9.80
CA GLN B 154 2.99 -8.20 9.59
C GLN B 154 3.45 -8.88 10.87
N ILE B 155 4.20 -9.97 10.73
CA ILE B 155 4.92 -10.56 11.85
C ILE B 155 6.41 -10.30 11.64
N GLN B 156 7.10 -9.90 12.72
CA GLN B 156 8.52 -9.61 12.65
C GLN B 156 9.26 -10.23 13.82
N SER B 157 10.26 -11.04 13.49
CA SER B 157 11.20 -11.60 14.46
C SER B 157 12.07 -10.49 15.03
N CYS B 158 12.14 -10.40 16.35
CA CYS B 158 12.96 -9.39 17.00
C CYS B 158 13.48 -9.83 18.35
N SER B 159 14.48 -9.09 18.84
CA SER B 159 14.93 -9.15 20.21
C SER B 159 14.96 -7.70 20.71
N ALA B 160 14.01 -7.35 21.57
CA ALA B 160 13.96 -6.03 22.20
C ALA B 160 15.20 -5.80 23.04
N LEU B 161 15.78 -6.87 23.57
CA LEU B 161 16.99 -6.79 24.38
C LEU B 161 18.19 -6.31 23.54
N THR B 162 18.42 -6.94 22.40
CA THR B 162 19.60 -6.66 21.57
C THR B 162 19.31 -5.61 20.50
N GLY B 163 18.04 -5.40 20.18
CA GLY B 163 17.65 -4.48 19.12
C GLY B 163 17.45 -5.10 17.74
N GLU B 164 17.92 -6.33 17.57
CA GLU B 164 17.83 -7.04 16.29
C GLU B 164 16.38 -7.26 15.85
N GLY B 165 16.10 -6.95 14.59
CA GLY B 165 14.76 -7.07 14.03
C GLY B 165 13.80 -5.92 14.30
N VAL B 166 14.14 -5.07 15.27
CA VAL B 166 13.25 -3.96 15.69
C VAL B 166 13.07 -2.91 14.59
N GLN B 167 14.18 -2.50 13.96
CA GLN B 167 14.11 -1.52 12.88
C GLN B 167 13.29 -2.02 11.67
N ASP B 168 13.43 -3.30 11.34
CA ASP B 168 12.62 -3.90 10.27
C ASP B 168 11.13 -3.83 10.58
N GLY B 169 10.77 -4.06 11.83
CA GLY B 169 9.38 -3.94 12.28
C GLY B 169 8.88 -2.51 12.13
N MET B 170 9.67 -1.56 12.61
CA MET B 170 9.27 -0.14 12.59
C MET B 170 9.24 0.42 11.17
N ASN B 171 10.09 -0.12 10.30
CA ASN B 171 10.07 0.27 8.90
C ASN B 171 8.76 -0.13 8.21
N TRP B 172 8.25 -1.31 8.56
CA TRP B 172 6.92 -1.72 8.14
C TRP B 172 5.84 -0.78 8.68
N VAL B 173 5.96 -0.39 9.95
CA VAL B 173 5.00 0.52 10.56
C VAL B 173 4.96 1.85 9.81
N CYS B 174 6.14 2.41 9.53
CA CYS B 174 6.24 3.67 8.82
C CYS B 174 5.61 3.61 7.43
N LYS B 175 5.83 2.51 6.73
CA LYS B 175 5.25 2.31 5.39
C LYS B 175 3.73 2.16 5.42
N ASN B 176 3.19 1.70 6.54
CA ASN B 176 1.76 1.40 6.62
C ASN B 176 0.93 2.36 7.48
N VAL B 177 1.46 3.57 7.69
CA VAL B 177 0.74 4.65 8.37
C VAL B 177 -0.47 5.11 7.56
N PRO C 59 -10.29 -36.66 -32.03
CA PRO C 59 -9.12 -35.77 -32.04
C PRO C 59 -9.30 -34.64 -33.06
N ILE C 60 -10.29 -33.78 -32.83
CA ILE C 60 -10.59 -32.64 -33.71
C ILE C 60 -9.49 -31.58 -33.62
N GLY C 61 -9.07 -31.06 -34.78
CA GLY C 61 -8.00 -30.07 -34.87
C GLY C 61 -8.41 -28.84 -35.65
N PRO C 62 -7.55 -27.79 -35.67
CA PRO C 62 -7.84 -26.55 -36.40
C PRO C 62 -8.19 -26.79 -37.87
N GLU C 63 -7.49 -27.74 -38.50
CA GLU C 63 -7.71 -28.07 -39.91
C GLU C 63 -9.16 -28.45 -40.18
N ASP C 64 -9.76 -29.17 -39.24
CA ASP C 64 -11.13 -29.66 -39.36
C ASP C 64 -12.17 -28.54 -39.29
N VAL C 65 -11.76 -27.36 -38.85
CA VAL C 65 -12.70 -26.32 -38.50
C VAL C 65 -12.62 -25.12 -39.44
N LEU C 66 -11.43 -24.90 -40.00
CA LEU C 66 -11.09 -23.69 -40.75
C LEU C 66 -11.77 -23.50 -42.12
N GLY C 67 -12.33 -24.58 -42.66
CA GLY C 67 -12.98 -24.50 -43.96
C GLY C 67 -14.49 -24.64 -43.91
N LEU C 68 -15.03 -24.84 -42.71
CA LEU C 68 -16.46 -25.06 -42.53
C LEU C 68 -17.28 -23.89 -43.07
N GLN C 69 -18.36 -24.25 -43.78
CA GLN C 69 -19.22 -23.28 -44.44
C GLN C 69 -20.53 -23.11 -43.69
N ARG C 70 -20.66 -23.78 -42.54
CA ARG C 70 -21.85 -23.66 -41.71
C ARG C 70 -21.60 -24.00 -40.26
N ILE C 71 -22.54 -23.63 -39.40
CA ILE C 71 -22.52 -23.93 -37.98
C ILE C 71 -22.45 -25.45 -37.75
N THR C 72 -21.73 -25.88 -36.72
CA THR C 72 -21.67 -27.29 -36.36
C THR C 72 -23.08 -27.80 -36.06
N GLY C 73 -23.32 -29.09 -36.29
CA GLY C 73 -24.62 -29.69 -36.03
C GLY C 73 -24.94 -29.83 -34.56
N ASP C 74 -23.91 -29.96 -33.74
CA ASP C 74 -24.04 -30.18 -32.29
C ASP C 74 -22.70 -29.89 -31.60
N TYR C 75 -22.70 -29.84 -30.27
CA TYR C 75 -21.46 -29.66 -29.50
C TYR C 75 -20.48 -30.79 -29.77
N LEU C 76 -19.21 -30.43 -29.92
CA LEU C 76 -18.21 -31.39 -30.41
C LEU C 76 -17.39 -32.02 -29.30
N CYS C 77 -17.62 -31.60 -28.07
CA CYS C 77 -16.98 -32.25 -26.93
C CYS C 77 -17.83 -32.09 -25.67
N SER C 78 -17.53 -32.90 -24.67
CA SER C 78 -18.21 -32.84 -23.39
C SER C 78 -17.50 -31.81 -22.50
N PRO C 79 -18.19 -31.34 -21.43
CA PRO C 79 -17.59 -30.43 -20.46
C PRO C 79 -16.30 -30.99 -19.84
N GLU C 80 -16.31 -32.27 -19.49
CA GLU C 80 -15.18 -32.92 -18.82
C GLU C 80 -13.85 -32.85 -19.59
N GLU C 81 -13.92 -32.60 -20.90
CA GLU C 81 -12.73 -32.47 -21.73
C GLU C 81 -11.96 -31.16 -21.50
N ASN C 82 -12.57 -30.24 -20.76
CA ASN C 82 -11.92 -28.98 -20.37
C ASN C 82 -11.06 -29.19 -19.13
N ILE C 83 -9.95 -29.91 -19.30
CA ILE C 83 -9.10 -30.31 -18.19
C ILE C 83 -8.29 -29.15 -17.61
N TYR C 84 -8.19 -28.07 -18.39
CA TYR C 84 -7.43 -26.90 -18.00
C TYR C 84 -8.28 -25.87 -17.24
N LYS C 85 -9.56 -26.19 -17.04
CA LYS C 85 -10.53 -25.28 -16.38
C LYS C 85 -10.51 -23.87 -16.98
N ILE C 86 -10.54 -23.77 -18.29
CA ILE C 86 -10.61 -22.45 -18.92
C ILE C 86 -12.04 -21.97 -18.81
N ASP C 87 -12.21 -20.69 -18.50
CA ASP C 87 -13.51 -20.16 -18.16
C ASP C 87 -13.68 -18.75 -18.70
N PHE C 88 -14.63 -18.56 -19.60
CA PHE C 88 -14.90 -17.23 -20.12
C PHE C 88 -15.85 -16.50 -19.19
N VAL C 89 -15.37 -15.40 -18.62
CA VAL C 89 -16.08 -14.70 -17.55
C VAL C 89 -16.66 -13.35 -17.97
N ARG C 90 -16.26 -12.87 -19.14
CA ARG C 90 -16.73 -11.57 -19.61
C ARG C 90 -16.64 -11.42 -21.11
N PHE C 91 -17.61 -10.74 -21.68
CA PHE C 91 -17.64 -10.44 -23.10
C PHE C 91 -18.11 -8.99 -23.26
N LYS C 92 -17.44 -8.24 -24.12
CA LYS C 92 -17.74 -6.83 -24.31
C LYS C 92 -17.65 -6.49 -25.79
N ILE C 93 -18.62 -5.72 -26.28
CA ILE C 93 -18.63 -5.23 -27.63
C ILE C 93 -18.73 -3.72 -27.56
N ARG C 94 -17.79 -3.02 -28.22
CA ARG C 94 -17.84 -1.57 -28.30
C ARG C 94 -17.68 -1.06 -29.72
N ASP C 95 -18.34 0.06 -29.99
CA ASP C 95 -18.16 0.78 -31.23
C ASP C 95 -16.94 1.67 -31.08
N MET C 96 -15.92 1.42 -31.90
CA MET C 96 -14.66 2.16 -31.80
C MET C 96 -14.82 3.63 -32.21
N ASP C 97 -15.84 3.92 -33.02
CA ASP C 97 -16.07 5.27 -33.52
C ASP C 97 -16.58 6.18 -32.40
N SER C 98 -17.77 5.89 -31.89
CA SER C 98 -18.39 6.72 -30.86
C SER C 98 -17.90 6.40 -29.44
N GLY C 99 -17.19 5.29 -29.27
CA GLY C 99 -16.72 4.87 -27.95
C GLY C 99 -17.76 4.09 -27.15
N THR C 100 -19.01 4.08 -27.62
CA THR C 100 -20.13 3.45 -26.91
C THR C 100 -19.96 1.93 -26.75
N VAL C 101 -20.09 1.48 -25.51
CA VAL C 101 -20.20 0.07 -25.20
C VAL C 101 -21.62 -0.37 -25.52
N LEU C 102 -21.76 -1.15 -26.59
CA LEU C 102 -23.06 -1.60 -27.06
C LEU C 102 -23.57 -2.80 -26.28
N PHE C 103 -22.64 -3.59 -25.73
CA PHE C 103 -22.99 -4.78 -24.98
C PHE C 103 -21.84 -5.21 -24.09
N GLU C 104 -22.16 -5.54 -22.84
CA GLU C 104 -21.21 -6.19 -21.95
C GLU C 104 -21.95 -7.14 -21.03
N ILE C 105 -21.37 -8.31 -20.81
CA ILE C 105 -21.90 -9.27 -19.87
C ILE C 105 -20.78 -9.78 -18.94
N LYS C 106 -21.06 -9.75 -17.63
CA LYS C 106 -20.14 -10.22 -16.60
C LYS C 106 -20.83 -11.35 -15.88
N LYS C 107 -20.31 -12.57 -16.02
CA LYS C 107 -21.02 -13.77 -15.49
C LYS C 107 -20.50 -14.27 -14.15
N GLY C 126 -24.82 -24.22 -20.04
CA GLY C 126 -23.76 -23.27 -19.76
C GLY C 126 -22.74 -23.11 -20.87
N ARG C 127 -23.07 -23.64 -22.05
CA ARG C 127 -22.22 -23.55 -23.24
C ARG C 127 -23.00 -22.99 -24.43
N PHE C 128 -24.21 -22.50 -24.14
CA PHE C 128 -25.06 -21.87 -25.15
C PHE C 128 -25.51 -20.48 -24.71
N VAL C 129 -25.38 -19.52 -25.63
CA VAL C 129 -25.80 -18.16 -25.34
C VAL C 129 -26.72 -17.65 -26.44
N ARG C 130 -27.77 -16.95 -26.03
CA ARG C 130 -28.68 -16.29 -26.95
C ARG C 130 -28.53 -14.79 -26.77
N TYR C 131 -28.09 -14.11 -27.83
CA TYR C 131 -27.85 -12.66 -27.77
C TYR C 131 -29.00 -11.86 -28.33
N GLN C 132 -29.40 -10.84 -27.59
CA GLN C 132 -30.50 -9.97 -27.96
C GLN C 132 -29.91 -8.64 -28.42
N PHE C 133 -29.60 -8.55 -29.71
CA PHE C 133 -28.99 -7.33 -30.28
C PHE C 133 -29.99 -6.56 -31.17
N THR C 134 -29.52 -5.44 -31.71
CA THR C 134 -30.36 -4.55 -32.52
C THR C 134 -29.78 -4.40 -33.93
N PRO C 135 -30.55 -3.83 -34.88
CA PRO C 135 -30.04 -3.63 -36.24
C PRO C 135 -28.79 -2.75 -36.30
N ALA C 136 -28.67 -1.83 -35.34
CA ALA C 136 -27.52 -0.92 -35.25
C ALA C 136 -26.18 -1.65 -35.25
N PHE C 137 -26.16 -2.87 -34.71
CA PHE C 137 -24.96 -3.72 -34.70
C PHE C 137 -24.48 -4.04 -36.12
N LEU C 138 -25.42 -4.18 -37.06
CA LEU C 138 -25.10 -4.58 -38.43
C LEU C 138 -24.63 -3.42 -39.31
N ARG C 139 -24.75 -2.20 -38.79
CA ARG C 139 -24.38 -1.02 -39.53
C ARG C 139 -23.08 -0.39 -38.99
N LEU C 140 -22.44 -1.07 -38.05
CA LEU C 140 -21.18 -0.61 -37.48
C LEU C 140 -20.05 -0.70 -38.50
N ARG C 141 -19.02 0.13 -38.33
CA ARG C 141 -17.84 0.10 -39.21
C ARG C 141 -16.57 -0.36 -38.49
N GLN C 142 -16.40 0.04 -37.23
CA GLN C 142 -15.19 -0.26 -36.46
C GLN C 142 -15.59 -0.78 -35.08
N VAL C 143 -15.22 -2.04 -34.80
CA VAL C 143 -15.73 -2.76 -33.62
C VAL C 143 -14.59 -3.30 -32.74
N GLY C 144 -14.75 -3.21 -31.42
CA GLY C 144 -13.86 -3.86 -30.47
C GLY C 144 -14.61 -4.94 -29.72
N ALA C 145 -14.15 -6.18 -29.84
CA ALA C 145 -14.79 -7.33 -29.19
C ALA C 145 -13.82 -7.95 -28.19
N THR C 146 -14.17 -7.88 -26.90
CA THR C 146 -13.30 -8.38 -25.83
C THR C 146 -13.83 -9.68 -25.26
N VAL C 147 -12.92 -10.66 -25.11
CA VAL C 147 -13.16 -11.81 -24.23
C VAL C 147 -12.24 -11.80 -23.02
N GLU C 148 -12.76 -12.24 -21.90
CA GLU C 148 -11.97 -12.37 -20.69
C GLU C 148 -12.11 -13.80 -20.18
N PHE C 149 -10.99 -14.45 -19.90
CA PHE C 149 -11.01 -15.84 -19.45
C PHE C 149 -10.03 -16.13 -18.33
N THR C 150 -10.42 -17.05 -17.44
CA THR C 150 -9.52 -17.55 -16.39
C THR C 150 -9.05 -18.95 -16.74
N VAL C 151 -7.92 -19.34 -16.14
CA VAL C 151 -7.29 -20.64 -16.37
C VAL C 151 -7.08 -21.29 -15.00
N GLY C 152 -7.21 -22.62 -14.93
CA GLY C 152 -6.99 -23.35 -13.68
C GLY C 152 -5.53 -23.51 -13.30
N ASP C 153 -5.28 -24.51 -12.44
CA ASP C 153 -3.96 -24.80 -11.85
C ASP C 153 -2.88 -25.24 -12.84
N LYS C 154 -3.29 -25.82 -13.96
CA LYS C 154 -2.34 -26.34 -14.94
C LYS C 154 -1.93 -25.25 -15.93
N PRO C 155 -0.64 -25.21 -16.28
CA PRO C 155 -0.21 -24.32 -17.37
C PRO C 155 -0.78 -24.82 -18.69
N VAL C 156 -1.07 -23.90 -19.61
CA VAL C 156 -1.62 -24.27 -20.90
C VAL C 156 -0.63 -23.91 -21.99
N ASN C 157 -0.19 -24.90 -22.74
CA ASN C 157 0.66 -24.68 -23.90
C ASN C 157 -0.18 -24.58 -25.17
N ASN C 158 0.22 -23.65 -26.04
CA ASN C 158 -0.37 -23.49 -27.37
C ASN C 158 -1.90 -23.41 -27.38
N PHE C 159 -2.45 -22.50 -26.56
CA PHE C 159 -3.89 -22.24 -26.54
C PHE C 159 -4.26 -21.44 -27.78
N ARG C 160 -5.32 -21.88 -28.45
CA ARG C 160 -5.75 -21.26 -29.69
C ARG C 160 -7.27 -21.21 -29.73
N MET C 161 -7.78 -20.10 -30.24
CA MET C 161 -9.20 -19.86 -30.33
C MET C 161 -9.56 -19.65 -31.80
N ILE C 162 -10.64 -20.28 -32.24
CA ILE C 162 -11.17 -20.05 -33.59
C ILE C 162 -12.66 -19.81 -33.47
N GLU C 163 -13.09 -18.62 -33.86
CA GLU C 163 -14.50 -18.24 -33.76
C GLU C 163 -15.03 -17.92 -35.15
N ARG C 164 -16.19 -18.48 -35.48
CA ARG C 164 -16.78 -18.34 -36.81
C ARG C 164 -18.27 -18.06 -36.69
N HIS C 165 -18.70 -17.03 -37.40
CA HIS C 165 -20.09 -16.59 -37.42
C HIS C 165 -20.67 -16.89 -38.79
N TYR C 166 -21.89 -17.43 -38.80
CA TYR C 166 -22.56 -17.80 -40.04
C TYR C 166 -24.00 -17.30 -40.07
N PHE C 167 -24.48 -17.01 -41.28
CA PHE C 167 -25.91 -16.96 -41.56
C PHE C 167 -26.21 -17.90 -42.73
N ARG C 168 -27.02 -18.92 -42.48
CA ARG C 168 -27.54 -19.81 -43.54
C ARG C 168 -26.50 -20.16 -44.60
N ASN C 169 -25.51 -20.96 -44.21
CA ASN C 169 -24.47 -21.44 -45.14
C ASN C 169 -23.47 -20.41 -45.66
N GLN C 170 -23.54 -19.18 -45.15
CA GLN C 170 -22.56 -18.14 -45.50
C GLN C 170 -21.70 -17.75 -44.29
N LEU C 171 -20.39 -17.73 -44.49
CA LEU C 171 -19.46 -17.31 -43.45
C LEU C 171 -19.38 -15.79 -43.39
N LEU C 172 -19.77 -15.24 -42.25
CA LEU C 172 -19.84 -13.78 -42.06
C LEU C 172 -18.52 -13.21 -41.55
N LYS C 173 -17.94 -13.92 -40.59
CA LYS C 173 -16.75 -13.47 -39.88
C LYS C 173 -16.00 -14.67 -39.31
N SER C 174 -14.68 -14.61 -39.38
CA SER C 174 -13.81 -15.64 -38.81
C SER C 174 -12.68 -14.99 -38.00
N PHE C 175 -12.43 -15.52 -36.81
CA PHE C 175 -11.33 -15.07 -35.96
C PHE C 175 -10.47 -16.26 -35.53
N ASP C 176 -9.18 -16.21 -35.83
CA ASP C 176 -8.24 -17.28 -35.47
C ASP C 176 -7.10 -16.67 -34.68
N PHE C 177 -7.02 -16.96 -33.39
CA PHE C 177 -5.97 -16.35 -32.59
C PHE C 177 -5.18 -17.35 -31.77
N HIS C 178 -3.86 -17.33 -31.97
CA HIS C 178 -2.95 -18.20 -31.25
CA HIS C 178 -2.93 -18.19 -31.26
C HIS C 178 -2.49 -17.46 -29.99
N PHE C 179 -3.02 -17.87 -28.84
CA PHE C 179 -2.65 -17.25 -27.58
C PHE C 179 -1.28 -17.74 -27.13
N GLY C 180 -0.95 -18.98 -27.47
CA GLY C 180 0.29 -19.61 -27.00
C GLY C 180 0.15 -20.00 -25.54
N PHE C 181 1.12 -19.59 -24.73
CA PHE C 181 1.13 -19.96 -23.31
C PHE C 181 0.12 -19.19 -22.46
N CYS C 182 -0.57 -19.92 -21.58
CA CYS C 182 -1.44 -19.32 -20.57
C CYS C 182 -0.91 -19.72 -19.20
N ILE C 183 -0.66 -18.71 -18.38
CA ILE C 183 -0.16 -18.88 -17.03
C ILE C 183 -1.20 -19.57 -16.13
N PRO C 184 -0.75 -20.51 -15.27
CA PRO C 184 -1.68 -21.15 -14.33
C PRO C 184 -2.36 -20.11 -13.44
N SER C 185 -3.65 -20.32 -13.17
CA SER C 185 -4.45 -19.44 -12.31
C SER C 185 -4.48 -17.98 -12.79
N SER C 186 -4.35 -17.78 -14.10
CA SER C 186 -4.34 -16.43 -14.67
C SER C 186 -5.74 -15.92 -15.01
N LYS C 187 -5.83 -14.61 -15.21
CA LYS C 187 -7.03 -13.97 -15.76
C LYS C 187 -6.56 -13.06 -16.89
N ASN C 188 -7.03 -13.37 -18.10
CA ASN C 188 -6.49 -12.83 -19.34
C ASN C 188 -7.58 -12.17 -20.17
N THR C 189 -7.21 -11.18 -20.99
CA THR C 189 -8.18 -10.57 -21.89
C THR C 189 -7.60 -10.49 -23.29
N CYS C 190 -8.48 -10.55 -24.28
CA CYS C 190 -8.12 -10.30 -25.66
C CYS C 190 -9.21 -9.46 -26.29
N GLU C 191 -8.85 -8.29 -26.83
CA GLU C 191 -9.80 -7.52 -27.61
C GLU C 191 -9.40 -7.52 -29.08
N HIS C 192 -10.31 -8.04 -29.89
CA HIS C 192 -10.18 -8.02 -31.33
C HIS C 192 -10.79 -6.72 -31.83
N ILE C 193 -9.96 -5.86 -32.40
CA ILE C 193 -10.42 -4.60 -32.97
C ILE C 193 -10.34 -4.71 -34.49
N TYR C 194 -11.50 -4.62 -35.14
CA TYR C 194 -11.60 -4.98 -36.57
C TYR C 194 -12.60 -4.13 -37.37
N ASP C 195 -12.46 -4.19 -38.69
CA ASP C 195 -13.36 -3.53 -39.62
C ASP C 195 -14.57 -4.40 -39.82
N PHE C 196 -15.74 -3.91 -39.42
CA PHE C 196 -16.98 -4.68 -39.57
C PHE C 196 -17.26 -4.89 -41.04
N PRO C 197 -17.56 -6.14 -41.45
CA PRO C 197 -17.77 -6.37 -42.88
C PRO C 197 -19.04 -5.68 -43.39
N PRO C 198 -18.92 -4.98 -44.53
CA PRO C 198 -20.05 -4.24 -45.09
C PRO C 198 -21.07 -5.20 -45.70
N LEU C 199 -22.02 -5.63 -44.88
CA LEU C 199 -23.06 -6.56 -45.32
C LEU C 199 -24.04 -5.81 -46.22
N SER C 200 -24.45 -6.46 -47.32
CA SER C 200 -25.43 -5.89 -48.24
C SER C 200 -26.78 -5.69 -47.55
N GLU C 201 -27.56 -4.72 -48.04
CA GLU C 201 -28.91 -4.50 -47.53
C GLU C 201 -29.77 -5.76 -47.60
N GLU C 202 -29.58 -6.54 -48.66
CA GLU C 202 -30.30 -7.81 -48.81
C GLU C 202 -29.98 -8.76 -47.64
N LEU C 203 -28.70 -8.90 -47.33
CA LEU C 203 -28.27 -9.78 -46.25
C LEU C 203 -28.72 -9.27 -44.89
N ILE C 204 -28.58 -7.97 -44.66
CA ILE C 204 -28.95 -7.32 -43.39
C ILE C 204 -30.42 -7.53 -43.03
N SER C 205 -31.32 -7.20 -43.95
CA SER C 205 -32.75 -7.36 -43.71
C SER C 205 -33.11 -8.83 -43.57
N GLU C 206 -32.42 -9.68 -44.31
CA GLU C 206 -32.61 -11.13 -44.22
C GLU C 206 -32.23 -11.65 -42.82
N MET C 207 -31.12 -11.17 -42.25
CA MET C 207 -30.77 -11.59 -40.89
C MET C 207 -31.60 -10.90 -39.78
N ILE C 208 -32.04 -9.66 -40.02
CA ILE C 208 -32.99 -9.00 -39.11
C ILE C 208 -34.32 -9.74 -39.06
N ARG C 209 -34.81 -10.17 -40.22
CA ARG C 209 -36.10 -10.84 -40.37
C ARG C 209 -36.11 -12.26 -39.80
N HIS C 210 -34.93 -12.86 -39.68
CA HIS C 210 -34.83 -14.24 -39.19
C HIS C 210 -33.93 -14.32 -37.96
N PRO C 211 -34.50 -14.06 -36.77
CA PRO C 211 -33.69 -14.05 -35.56
C PRO C 211 -33.18 -15.43 -35.21
N TYR C 212 -31.98 -15.48 -34.64
CA TYR C 212 -31.35 -16.71 -34.17
C TYR C 212 -30.93 -17.68 -35.28
N GLU C 213 -31.03 -17.24 -36.52
CA GLU C 213 -30.47 -17.98 -37.66
C GLU C 213 -29.04 -17.53 -37.96
N THR C 214 -28.63 -16.43 -37.33
CA THR C 214 -27.21 -16.07 -37.29
C THR C 214 -26.66 -16.79 -36.08
N GLN C 215 -25.62 -17.60 -36.30
CA GLN C 215 -25.04 -18.39 -35.21
C GLN C 215 -23.53 -18.36 -35.24
N SER C 216 -22.90 -18.66 -34.10
CA SER C 216 -21.46 -18.73 -34.04
C SER C 216 -20.96 -19.97 -33.32
N ASP C 217 -19.82 -20.49 -33.80
CA ASP C 217 -19.06 -21.52 -33.11
C ASP C 217 -17.79 -20.89 -32.55
N SER C 218 -17.49 -21.17 -31.28
CA SER C 218 -16.20 -20.81 -30.70
C SER C 218 -15.46 -22.09 -30.31
N PHE C 219 -14.34 -22.32 -30.99
CA PHE C 219 -13.53 -23.52 -30.81
C PHE C 219 -12.27 -23.17 -30.05
N TYR C 220 -11.93 -23.97 -29.05
CA TYR C 220 -10.74 -23.74 -28.24
C TYR C 220 -9.85 -24.97 -28.24
N PHE C 221 -8.61 -24.78 -28.70
CA PHE C 221 -7.66 -25.87 -28.87
C PHE C 221 -6.51 -25.72 -27.89
N VAL C 222 -6.03 -26.85 -27.40
CA VAL C 222 -4.76 -26.90 -26.68
C VAL C 222 -3.84 -27.85 -27.44
N ASP C 223 -2.73 -27.30 -27.93
CA ASP C 223 -1.80 -28.03 -28.79
C ASP C 223 -2.51 -28.79 -29.91
N ASP C 224 -3.27 -28.06 -30.73
CA ASP C 224 -4.01 -28.60 -31.88
C ASP C 224 -5.17 -29.54 -31.57
N ARG C 225 -5.50 -29.69 -30.29
CA ARG C 225 -6.60 -30.57 -29.90
C ARG C 225 -7.76 -29.77 -29.29
N LEU C 226 -8.97 -30.01 -29.80
CA LEU C 226 -10.16 -29.32 -29.32
C LEU C 226 -10.49 -29.72 -27.89
N VAL C 227 -10.55 -28.73 -26.99
CA VAL C 227 -10.82 -28.99 -25.58
C VAL C 227 -12.12 -28.35 -25.08
N MET C 228 -12.63 -27.39 -25.85
CA MET C 228 -13.84 -26.67 -25.46
C MET C 228 -14.54 -26.11 -26.68
N HIS C 229 -15.88 -26.18 -26.68
CA HIS C 229 -16.71 -25.72 -27.79
C HIS C 229 -17.97 -25.02 -27.30
N ASN C 230 -18.06 -23.71 -27.55
CA ASN C 230 -19.24 -22.93 -27.18
C ASN C 230 -20.01 -22.47 -28.41
N LYS C 231 -21.31 -22.25 -28.23
CA LYS C 231 -22.19 -21.88 -29.32
C LYS C 231 -23.09 -20.72 -28.93
N ALA C 232 -23.46 -19.92 -29.93
CA ALA C 232 -24.36 -18.80 -29.74
C ALA C 232 -25.23 -18.58 -30.97
N ASP C 233 -26.45 -18.10 -30.75
CA ASP C 233 -27.24 -17.54 -31.85
C ASP C 233 -27.63 -16.09 -31.54
N TYR C 234 -27.93 -15.34 -32.58
CA TYR C 234 -28.05 -13.90 -32.50
C TYR C 234 -29.34 -13.40 -33.12
N SER C 235 -29.93 -12.39 -32.48
CA SER C 235 -31.07 -11.67 -33.03
C SER C 235 -30.68 -10.21 -33.21
N TYR C 236 -31.04 -9.63 -34.35
CA TYR C 236 -30.79 -8.22 -34.61
C TYR C 236 -32.09 -7.43 -34.78
N SER C 237 -33.04 -7.67 -33.88
CA SER C 237 -34.34 -6.97 -33.90
C SER C 237 -34.37 -5.83 -32.88
N PRO D 59 -14.78 27.79 39.57
CA PRO D 59 -14.02 26.62 39.03
C PRO D 59 -13.00 27.06 37.95
N ILE D 60 -11.93 26.27 37.81
CA ILE D 60 -10.89 26.54 36.80
C ILE D 60 -10.91 25.45 35.72
N GLY D 61 -11.03 25.86 34.47
CA GLY D 61 -10.99 24.93 33.34
C GLY D 61 -9.67 25.04 32.58
N PRO D 62 -9.40 24.10 31.65
CA PRO D 62 -8.17 24.15 30.84
C PRO D 62 -8.01 25.46 30.06
N GLU D 63 -9.12 25.96 29.52
CA GLU D 63 -9.11 27.19 28.71
C GLU D 63 -8.73 28.43 29.53
N ASP D 64 -9.06 28.44 30.81
CA ASP D 64 -8.65 29.54 31.69
C ASP D 64 -7.12 29.56 31.85
N VAL D 65 -6.55 28.38 32.01
CA VAL D 65 -5.13 28.20 32.23
C VAL D 65 -4.33 28.46 30.93
N LEU D 66 -4.94 28.09 29.81
CA LEU D 66 -4.33 28.23 28.49
C LEU D 66 -4.24 29.70 28.04
N GLY D 67 -4.98 30.59 28.70
CA GLY D 67 -4.96 32.00 28.36
C GLY D 67 -4.00 32.81 29.22
N LEU D 68 -3.33 32.15 30.15
CA LEU D 68 -2.44 32.84 31.08
C LEU D 68 -1.10 33.19 30.46
N GLN D 69 -0.62 34.38 30.78
CA GLN D 69 0.60 34.92 30.19
C GLN D 69 1.68 35.09 31.28
N ARG D 70 1.30 34.81 32.53
CA ARG D 70 2.24 34.88 33.65
C ARG D 70 2.02 33.72 34.63
N ILE D 71 3.06 33.41 35.39
CA ILE D 71 2.95 32.54 36.57
C ILE D 71 1.81 33.08 37.46
N THR D 72 1.00 32.19 38.03
CA THR D 72 -0.11 32.62 38.90
C THR D 72 0.42 33.20 40.20
N GLY D 73 -0.31 34.15 40.78
CA GLY D 73 0.04 34.73 42.07
C GLY D 73 -0.05 33.70 43.18
N ASP D 74 -1.17 32.98 43.19
CA ASP D 74 -1.42 31.92 44.18
C ASP D 74 -1.81 30.61 43.50
N TYR D 75 -1.80 29.51 44.27
CA TYR D 75 -2.33 28.23 43.81
C TYR D 75 -3.81 28.39 43.47
N LEU D 76 -4.26 27.72 42.42
CA LEU D 76 -5.62 27.91 41.91
C LEU D 76 -6.62 26.88 42.44
N CYS D 77 -6.14 25.99 43.30
CA CYS D 77 -6.97 25.00 43.97
C CYS D 77 -6.28 24.57 45.27
N SER D 78 -7.06 24.03 46.21
CA SER D 78 -6.52 23.58 47.50
C SER D 78 -6.04 22.13 47.39
N PRO D 79 -5.17 21.70 48.32
CA PRO D 79 -4.73 20.31 48.33
C PRO D 79 -5.88 19.32 48.43
N GLU D 80 -6.96 19.71 49.11
CA GLU D 80 -8.11 18.82 49.35
C GLU D 80 -8.84 18.44 48.08
N GLU D 81 -8.64 19.22 47.01
CA GLU D 81 -9.29 18.95 45.74
C GLU D 81 -8.63 17.80 44.95
N ASN D 82 -7.49 17.30 45.44
CA ASN D 82 -6.84 16.12 44.87
C ASN D 82 -7.53 14.82 45.35
N ILE D 83 -8.79 14.64 44.95
CA ILE D 83 -9.61 13.53 45.45
C ILE D 83 -9.24 12.17 44.85
N TYR D 84 -8.55 12.18 43.71
CA TYR D 84 -8.09 10.95 43.06
C TYR D 84 -6.72 10.51 43.58
N LYS D 85 -6.16 11.30 44.51
CA LYS D 85 -4.88 11.04 45.17
C LYS D 85 -3.75 10.77 44.19
N ILE D 86 -3.60 11.68 43.24
CA ILE D 86 -2.53 11.62 42.24
C ILE D 86 -1.28 12.25 42.86
N ASP D 87 -0.16 11.54 42.76
CA ASP D 87 1.11 11.99 43.32
CA ASP D 87 1.11 11.98 43.33
C ASP D 87 2.23 11.91 42.30
N PHE D 88 2.89 13.04 42.06
CA PHE D 88 4.04 13.07 41.17
C PHE D 88 5.31 12.77 41.97
N VAL D 89 5.94 11.64 41.65
CA VAL D 89 6.96 11.05 42.51
C VAL D 89 8.38 11.12 41.96
N ARG D 90 8.51 11.50 40.69
CA ARG D 90 9.80 11.49 40.02
C ARG D 90 9.83 12.38 38.78
N PHE D 91 10.98 13.00 38.55
CA PHE D 91 11.18 13.87 37.41
C PHE D 91 12.62 13.69 36.94
N LYS D 92 12.78 13.43 35.64
CA LYS D 92 14.10 13.15 35.05
C LYS D 92 14.27 13.96 33.76
N ILE D 93 15.47 14.53 33.59
CA ILE D 93 15.84 15.22 32.36
C ILE D 93 17.04 14.54 31.70
N ARG D 94 16.92 14.18 30.43
CA ARG D 94 18.06 13.70 29.65
C ARG D 94 18.29 14.50 28.36
N ASP D 95 19.56 14.58 27.96
CA ASP D 95 19.95 15.20 26.71
C ASP D 95 19.82 14.14 25.63
N MET D 96 18.98 14.39 24.63
CA MET D 96 18.82 13.41 23.57
C MET D 96 20.06 13.29 22.66
N ASP D 97 20.86 14.36 22.58
CA ASP D 97 22.07 14.36 21.75
C ASP D 97 23.16 13.42 22.28
N SER D 98 23.52 13.58 23.55
CA SER D 98 24.55 12.76 24.19
C SER D 98 23.99 11.50 24.86
N GLY D 99 22.71 11.51 25.21
CA GLY D 99 22.08 10.41 25.94
C GLY D 99 22.20 10.55 27.44
N THR D 100 22.89 11.60 27.88
CA THR D 100 23.24 11.80 29.28
C THR D 100 22.07 12.30 30.12
N VAL D 101 21.85 11.64 31.25
CA VAL D 101 20.91 12.09 32.26
C VAL D 101 21.49 13.32 32.95
N LEU D 102 20.77 14.44 32.85
CA LEU D 102 21.26 15.70 33.38
C LEU D 102 20.78 15.96 34.79
N PHE D 103 19.62 15.41 35.12
CA PHE D 103 18.99 15.64 36.41
C PHE D 103 17.94 14.58 36.65
N GLU D 104 17.89 14.09 37.89
CA GLU D 104 16.79 13.24 38.33
C GLU D 104 16.50 13.51 39.78
N ILE D 105 15.21 13.61 40.10
CA ILE D 105 14.77 13.74 41.49
C ILE D 105 13.63 12.77 41.81
N LYS D 106 13.73 12.11 42.96
CA LYS D 106 12.67 11.31 43.55
C LYS D 106 12.17 12.02 44.80
N LYS D 107 10.86 12.28 44.84
CA LYS D 107 10.28 13.16 45.87
C LYS D 107 9.52 12.37 46.92
N GLY D 126 4.15 20.87 49.99
CA GLY D 126 4.50 19.64 49.27
C GLY D 126 4.27 19.74 47.78
N ARG D 127 3.79 20.90 47.34
CA ARG D 127 3.48 21.17 45.93
C ARG D 127 4.29 22.35 45.42
N PHE D 128 5.52 22.44 45.92
CA PHE D 128 6.48 23.44 45.50
C PHE D 128 7.87 22.85 45.52
N VAL D 129 8.62 23.09 44.44
CA VAL D 129 10.01 22.68 44.36
C VAL D 129 10.87 23.82 43.81
N ARG D 130 12.15 23.78 44.15
CA ARG D 130 13.12 24.72 43.63
C ARG D 130 14.22 23.91 42.94
N TYR D 131 14.53 24.26 41.70
CA TYR D 131 15.55 23.54 40.94
C TYR D 131 16.80 24.37 40.73
N GLN D 132 17.95 23.77 41.01
CA GLN D 132 19.22 24.45 40.79
C GLN D 132 19.90 23.84 39.57
N PHE D 133 19.68 24.46 38.41
CA PHE D 133 20.27 24.00 37.17
C PHE D 133 21.48 24.86 36.79
N THR D 134 22.08 24.57 35.64
CA THR D 134 23.23 25.32 35.12
C THR D 134 22.87 25.98 33.78
N PRO D 135 23.64 27.01 33.36
CA PRO D 135 23.47 27.61 32.03
C PRO D 135 23.39 26.61 30.86
N ALA D 136 24.05 25.47 30.99
CA ALA D 136 24.02 24.44 29.94
C ALA D 136 22.59 23.97 29.64
N PHE D 137 21.73 24.00 30.65
CA PHE D 137 20.33 23.59 30.51
C PHE D 137 19.58 24.48 29.52
N LEU D 138 19.99 25.74 29.44
CA LEU D 138 19.37 26.71 28.54
C LEU D 138 19.88 26.66 27.09
N ARG D 139 20.90 25.85 26.83
CA ARG D 139 21.46 25.71 25.47
C ARG D 139 21.22 24.31 24.91
N LEU D 140 20.35 23.56 25.55
CA LEU D 140 19.99 22.22 25.06
C LEU D 140 19.23 22.32 23.74
N ARG D 141 19.16 21.22 23.03
CA ARG D 141 18.52 21.21 21.72
C ARG D 141 17.33 20.25 21.68
N GLN D 142 17.56 19.00 22.07
CA GLN D 142 16.52 17.98 22.11
C GLN D 142 16.60 17.31 23.47
N VAL D 143 15.50 17.37 24.22
CA VAL D 143 15.48 16.80 25.57
C VAL D 143 14.31 15.85 25.84
N GLY D 144 14.58 14.85 26.68
CA GLY D 144 13.54 13.98 27.19
C GLY D 144 13.27 14.33 28.65
N ALA D 145 12.04 14.75 28.92
CA ALA D 145 11.60 15.08 30.28
C ALA D 145 10.56 14.08 30.75
N THR D 146 10.92 13.28 31.76
CA THR D 146 10.04 12.21 32.26
C THR D 146 9.36 12.65 33.55
N VAL D 147 8.04 12.49 33.60
CA VAL D 147 7.35 12.54 34.88
C VAL D 147 6.78 11.17 35.21
N GLU D 148 6.74 10.87 36.50
CA GLU D 148 6.20 9.62 36.99
C GLU D 148 5.20 9.94 38.08
N PHE D 149 4.02 9.34 37.99
CA PHE D 149 2.98 9.61 38.98
C PHE D 149 2.21 8.36 39.34
N THR D 150 1.73 8.33 40.58
CA THR D 150 0.86 7.28 41.07
C THR D 150 -0.56 7.81 41.21
N VAL D 151 -1.54 6.89 41.18
CA VAL D 151 -2.96 7.21 41.31
C VAL D 151 -3.58 6.47 42.52
N GLY D 152 -4.58 7.07 43.15
CA GLY D 152 -5.32 6.42 44.25
C GLY D 152 -6.15 5.22 43.80
N ASP D 153 -6.97 4.69 44.71
CA ASP D 153 -7.71 3.44 44.45
C ASP D 153 -8.97 3.60 43.59
N LYS D 154 -9.23 4.82 43.10
CA LYS D 154 -10.34 5.07 42.18
C LYS D 154 -9.82 5.34 40.76
N PRO D 155 -10.49 4.77 39.74
CA PRO D 155 -10.14 5.02 38.34
C PRO D 155 -10.29 6.50 37.96
N VAL D 156 -9.38 6.98 37.12
CA VAL D 156 -9.39 8.38 36.70
C VAL D 156 -9.72 8.47 35.22
N ASN D 157 -10.79 9.19 34.90
CA ASN D 157 -11.15 9.42 33.50
C ASN D 157 -10.70 10.80 33.02
N ASN D 158 -10.27 10.85 31.76
CA ASN D 158 -9.87 12.08 31.09
C ASN D 158 -8.88 12.93 31.88
N PHE D 159 -7.78 12.31 32.29
CA PHE D 159 -6.72 13.01 33.01
C PHE D 159 -5.88 13.81 32.03
N ARG D 160 -5.53 15.04 32.41
CA ARG D 160 -4.85 15.98 31.51
C ARG D 160 -3.92 16.92 32.26
N MET D 161 -2.70 17.07 31.76
CA MET D 161 -1.75 18.02 32.34
C MET D 161 -1.47 19.19 31.41
N ILE D 162 -1.40 20.38 31.99
CA ILE D 162 -0.99 21.58 31.30
C ILE D 162 0.10 22.22 32.15
N GLU D 163 1.33 22.19 31.65
CA GLU D 163 2.45 22.76 32.38
C GLU D 163 3.04 23.88 31.57
N ARG D 164 3.24 25.02 32.23
CA ARG D 164 3.61 26.27 31.57
C ARG D 164 4.81 26.93 32.25
N HIS D 165 5.83 27.22 31.45
CA HIS D 165 7.07 27.81 31.92
C HIS D 165 7.16 29.27 31.47
N TYR D 166 7.37 30.17 32.42
CA TYR D 166 7.41 31.61 32.17
C TYR D 166 8.70 32.27 32.65
N PHE D 167 9.11 33.31 31.92
CA PHE D 167 10.05 34.30 32.45
C PHE D 167 9.35 35.64 32.31
N ARG D 168 8.95 36.21 33.44
CA ARG D 168 8.06 37.37 33.48
C ARG D 168 6.79 37.10 32.65
N ASN D 169 6.46 37.95 31.68
CA ASN D 169 5.28 37.69 30.87
C ASN D 169 5.57 36.98 29.54
N GLN D 170 6.76 36.38 29.46
CA GLN D 170 7.15 35.58 28.31
C GLN D 170 6.90 34.10 28.59
N LEU D 171 6.01 33.49 27.81
CA LEU D 171 5.77 32.05 27.87
C LEU D 171 6.89 31.32 27.09
N LEU D 172 7.74 30.61 27.81
CA LEU D 172 8.88 29.91 27.21
C LEU D 172 8.46 28.60 26.57
N LYS D 173 7.50 27.93 27.19
CA LYS D 173 7.10 26.60 26.80
C LYS D 173 5.81 26.24 27.53
N SER D 174 4.93 25.54 26.83
CA SER D 174 3.70 25.01 27.39
C SER D 174 3.57 23.58 26.92
N PHE D 175 3.31 22.66 27.86
CA PHE D 175 3.01 21.27 27.52
C PHE D 175 1.56 21.04 27.89
N ASP D 176 0.81 20.48 26.95
CA ASP D 176 -0.60 20.15 27.13
C ASP D 176 -0.78 18.73 26.66
N PHE D 177 -0.92 17.79 27.60
CA PHE D 177 -1.01 16.37 27.26
C PHE D 177 -2.23 15.72 27.89
N HIS D 178 -3.00 14.99 27.07
CA HIS D 178 -4.19 14.28 27.52
C HIS D 178 -3.83 12.82 27.75
N PHE D 179 -3.82 12.40 29.02
CA PHE D 179 -3.50 11.02 29.36
C PHE D 179 -4.69 10.10 29.11
N GLY D 180 -5.90 10.65 29.25
CA GLY D 180 -7.11 9.85 29.24
C GLY D 180 -7.27 9.10 30.55
N PHE D 181 -7.51 7.81 30.45
CA PHE D 181 -7.77 6.94 31.59
C PHE D 181 -6.50 6.62 32.42
N CYS D 182 -6.63 6.68 33.74
CA CYS D 182 -5.59 6.17 34.63
C CYS D 182 -6.16 5.05 35.48
N ILE D 183 -5.46 3.92 35.47
CA ILE D 183 -5.82 2.72 36.23
C ILE D 183 -5.74 3.00 37.74
N PRO D 184 -6.73 2.51 38.52
CA PRO D 184 -6.63 2.64 39.97
C PRO D 184 -5.35 2.00 40.50
N SER D 185 -4.72 2.68 41.46
CA SER D 185 -3.50 2.21 42.14
C SER D 185 -2.33 1.98 41.21
N SER D 186 -2.31 2.74 40.11
CA SER D 186 -1.27 2.60 39.10
C SER D 186 -0.05 3.49 39.36
N LYS D 187 1.04 3.13 38.71
CA LYS D 187 2.25 3.93 38.65
C LYS D 187 2.59 4.12 37.17
N ASN D 188 2.54 5.37 36.74
CA ASN D 188 2.58 5.69 35.32
C ASN D 188 3.74 6.61 35.02
N THR D 189 4.14 6.57 33.76
CA THR D 189 5.30 7.29 33.29
C THR D 189 4.94 8.00 31.98
N CYS D 190 5.42 9.22 31.83
CA CYS D 190 5.30 9.92 30.56
C CYS D 190 6.56 10.74 30.28
N GLU D 191 7.23 10.44 29.17
CA GLU D 191 8.37 11.24 28.77
C GLU D 191 8.04 12.08 27.55
N HIS D 192 8.17 13.39 27.71
CA HIS D 192 8.04 14.34 26.59
CA HIS D 192 8.04 14.31 26.60
C HIS D 192 9.41 14.52 25.96
N ILE D 193 9.53 14.14 24.70
CA ILE D 193 10.76 14.34 23.96
C ILE D 193 10.50 15.46 22.95
N TYR D 194 11.18 16.59 23.15
CA TYR D 194 10.81 17.84 22.48
C TYR D 194 12.02 18.72 22.17
N ASP D 195 11.82 19.65 21.22
CA ASP D 195 12.83 20.65 20.87
C ASP D 195 12.88 21.71 21.97
N PHE D 196 14.05 21.86 22.58
CA PHE D 196 14.21 22.87 23.61
C PHE D 196 14.11 24.25 22.98
N PRO D 197 13.40 25.20 23.64
CA PRO D 197 13.22 26.50 23.00
C PRO D 197 14.54 27.25 22.82
N PRO D 198 14.76 27.85 21.63
CA PRO D 198 15.97 28.66 21.46
C PRO D 198 15.86 29.95 22.26
N LEU D 199 16.92 30.28 22.97
CA LEU D 199 16.98 31.48 23.79
C LEU D 199 18.26 32.20 23.43
N SER D 200 18.17 33.47 23.08
CA SER D 200 19.36 34.24 22.72
C SER D 200 20.30 34.38 23.93
N GLU D 201 21.56 34.70 23.66
CA GLU D 201 22.55 34.84 24.72
C GLU D 201 22.12 35.93 25.71
N GLU D 202 21.57 37.02 25.17
CA GLU D 202 21.03 38.13 25.96
C GLU D 202 19.87 37.72 26.90
N LEU D 203 18.97 36.86 26.44
CA LEU D 203 17.90 36.36 27.32
C LEU D 203 18.44 35.40 28.38
N ILE D 204 19.35 34.51 27.97
CA ILE D 204 20.01 33.59 28.89
C ILE D 204 20.68 34.38 30.04
N SER D 205 21.43 35.44 29.68
CA SER D 205 22.05 36.34 30.66
C SER D 205 21.04 36.88 31.66
N GLU D 206 19.91 37.40 31.16
CA GLU D 206 18.85 37.93 32.02
C GLU D 206 18.23 36.86 32.91
N MET D 207 18.23 35.61 32.44
CA MET D 207 17.68 34.50 33.23
C MET D 207 18.66 34.01 34.31
N ILE D 208 19.93 33.85 33.94
CA ILE D 208 20.95 33.46 34.93
C ILE D 208 21.16 34.54 36.01
N ARG D 209 20.97 35.82 35.65
CA ARG D 209 21.10 36.92 36.62
C ARG D 209 19.90 37.09 37.54
N HIS D 210 18.81 36.36 37.26
CA HIS D 210 17.61 36.45 38.10
C HIS D 210 17.11 35.06 38.53
N PRO D 211 17.80 34.44 39.50
CA PRO D 211 17.46 33.08 39.92
C PRO D 211 16.04 33.02 40.48
N TYR D 212 15.32 31.95 40.13
CA TYR D 212 13.96 31.69 40.60
C TYR D 212 12.90 32.65 40.06
N GLU D 213 13.27 33.46 39.07
CA GLU D 213 12.30 34.28 38.35
C GLU D 213 11.78 33.57 37.09
N THR D 214 12.47 32.50 36.70
CA THR D 214 11.94 31.55 35.73
C THR D 214 11.14 30.52 36.53
N GLN D 215 9.82 30.45 36.28
CA GLN D 215 8.91 29.66 37.11
C GLN D 215 7.90 28.89 36.26
N SER D 216 7.48 27.74 36.77
CA SER D 216 6.46 26.93 36.09
C SER D 216 5.22 26.64 36.95
N ASP D 217 4.07 26.62 36.29
CA ASP D 217 2.81 26.16 36.85
C ASP D 217 2.45 24.84 36.18
N SER D 218 2.22 23.79 36.98
CA SER D 218 1.71 22.51 36.46
C SER D 218 0.26 22.27 36.91
N PHE D 219 -0.65 22.29 35.94
CA PHE D 219 -2.06 22.11 36.22
C PHE D 219 -2.51 20.72 35.79
N TYR D 220 -3.28 20.08 36.67
CA TYR D 220 -3.76 18.73 36.43
C TYR D 220 -5.27 18.69 36.50
N PHE D 221 -5.88 18.17 35.44
CA PHE D 221 -7.32 18.19 35.28
C PHE D 221 -7.87 16.79 35.19
N VAL D 222 -9.03 16.59 35.80
CA VAL D 222 -9.81 15.38 35.58
C VAL D 222 -11.11 15.79 34.95
N ASP D 223 -11.29 15.40 33.69
CA ASP D 223 -12.50 15.71 32.93
C ASP D 223 -12.82 17.22 32.96
N ASP D 224 -11.77 18.04 32.89
CA ASP D 224 -11.85 19.53 32.90
C ASP D 224 -11.88 20.17 34.28
N ARG D 225 -11.87 19.34 35.32
CA ARG D 225 -11.84 19.85 36.68
C ARG D 225 -10.39 19.91 37.15
N LEU D 226 -9.93 21.11 37.51
CA LEU D 226 -8.62 21.27 38.13
C LEU D 226 -8.60 20.55 39.46
N VAL D 227 -7.69 19.59 39.61
CA VAL D 227 -7.58 18.81 40.84
C VAL D 227 -6.26 18.99 41.55
N MET D 228 -5.27 19.52 40.82
CA MET D 228 -3.94 19.74 41.40
C MET D 228 -3.23 20.88 40.67
N HIS D 229 -2.53 21.69 41.45
CA HIS D 229 -1.70 22.78 40.94
C HIS D 229 -0.35 22.72 41.65
N ASN D 230 0.67 22.35 40.90
CA ASN D 230 2.05 22.35 41.40
C ASN D 230 2.86 23.49 40.81
N LYS D 231 3.83 23.96 41.59
CA LYS D 231 4.68 25.06 41.19
C LYS D 231 6.16 24.70 41.33
N ALA D 232 6.99 25.30 40.49
CA ALA D 232 8.43 25.17 40.57
C ALA D 232 9.11 26.48 40.21
N ASP D 233 10.22 26.76 40.86
CA ASP D 233 11.09 27.90 40.52
C ASP D 233 12.43 27.36 40.09
N TYR D 234 13.06 28.04 39.14
CA TYR D 234 14.31 27.56 38.55
C TYR D 234 15.39 28.62 38.65
N SER D 235 16.61 28.19 38.97
CA SER D 235 17.79 29.03 38.83
C SER D 235 18.76 28.37 37.86
N TYR D 236 19.57 29.19 37.20
CA TYR D 236 20.60 28.67 36.31
C TYR D 236 21.98 29.21 36.72
N SER D 237 22.77 28.36 37.36
CA SER D 237 24.10 28.73 37.87
C SER D 237 25.04 27.52 37.82
PG GNP E . 0.82 -4.92 -13.55
O1G GNP E . 0.85 -5.44 -12.18
O2G GNP E . 2.05 -5.25 -14.33
O3G GNP E . -0.43 -5.15 -14.27
N3B GNP E . 0.84 -3.27 -13.33
PB GNP E . 0.83 -2.25 -14.75
O1B GNP E . 2.21 -2.05 -15.20
O2B GNP E . -0.19 -2.68 -15.73
O3A GNP E . 0.35 -0.83 -14.18
PA GNP E . -1.18 -0.27 -14.26
O1A GNP E . -2.06 -1.21 -13.58
O2A GNP E . -1.48 0.18 -15.64
O5' GNP E . -1.00 1.09 -13.36
C5' GNP E . -0.61 0.99 -11.99
C4' GNP E . -1.01 2.27 -11.24
O4' GNP E . -0.27 3.41 -11.81
C3' GNP E . -2.49 2.55 -11.47
O3' GNP E . -3.04 3.07 -10.26
C2' GNP E . -2.47 3.59 -12.57
O2' GNP E . -3.59 4.42 -12.47
C1' GNP E . -1.21 4.38 -12.26
N9 GNP E . -0.64 5.04 -13.48
C8 GNP E . -0.38 4.49 -14.67
N7 GNP E . 0.13 5.43 -15.46
C5 GNP E . 0.20 6.56 -14.78
C6 GNP E . 0.63 7.78 -15.12
O6 GNP E . 1.08 8.04 -16.24
N1 GNP E . 0.60 8.80 -14.16
C2 GNP E . 0.10 8.51 -12.90
N2 GNP E . 0.05 9.46 -11.98
N3 GNP E . -0.33 7.28 -12.60
C4 GNP E . -0.28 6.32 -13.54
MG MG F . -1.34 -4.44 -15.80
PG GNP G . 4.43 -6.00 31.71
O1G GNP G . 5.08 -4.74 32.12
O2G GNP G . 4.00 -6.84 32.84
O3G GNP G . 3.45 -5.84 30.63
N3B GNP G . 5.68 -6.84 31.07
PB GNP G . 6.38 -6.25 29.66
O1B GNP G . 5.64 -6.81 28.51
O2B GNP G . 6.64 -4.80 29.72
O3A GNP G . 7.79 -6.98 29.67
PA GNP G . 9.19 -6.27 30.10
O1A GNP G . 9.03 -5.82 31.49
O2A GNP G . 9.67 -5.36 29.06
O5' GNP G . 10.20 -7.56 30.07
C5' GNP G . 9.98 -8.72 30.88
C4' GNP G . 11.27 -9.54 30.96
O4' GNP G . 11.61 -10.07 29.65
C3' GNP G . 12.44 -8.68 31.40
O3' GNP G . 13.26 -9.45 32.27
C2' GNP G . 13.17 -8.40 30.10
O2' GNP G . 14.55 -8.18 30.32
C1' GNP G . 12.95 -9.68 29.33
N9 GNP G . 13.05 -9.44 27.88
C8 GNP G . 12.35 -8.55 27.17
N7 GNP G . 12.74 -8.63 25.89
C5 GNP G . 13.67 -9.59 25.81
C6 GNP G . 14.36 -10.06 24.77
O6 GNP G . 14.18 -9.61 23.63
N1 GNP G . 15.31 -11.08 24.96
C2 GNP G . 15.48 -11.58 26.26
N2 GNP G . 16.35 -12.56 26.49
N3 GNP G . 14.76 -11.08 27.27
C4 GNP G . 13.87 -10.09 27.04
MG MG H . 6.02 -3.45 31.05
#